data_3VWJ
#
_entry.id   3VWJ
#
_cell.length_a   145.930
_cell.length_b   176.910
_cell.length_c   82.950
_cell.angle_alpha   90.00
_cell.angle_beta   90.00
_cell.angle_gamma   90.00
#
_symmetry.space_group_name_H-M   'C 2 2 2'
#
loop_
_entity.id
_entity.type
_entity.pdbx_description
1 polymer 'Antigen-presenting glycoprotein CD1d'
2 polymer Beta-2-microglobulin
3 polymer 'NKT15 T cell receptor alpha-chain'
4 polymer 'NKT15 T cell receptor beta-chain'
5 non-polymer 2-acetamido-2-deoxy-beta-D-glucopyranose
6 non-polymer (11Z,14E)-N-[(2S,3S,4R)-1-(alpha-D-galactopyranosyloxy)-3,4-dihydroxyoctadecan-2-yl]icosa-11,14-dienamide
7 non-polymer 'MAGNESIUM ION'
8 water water
#
loop_
_entity_poly.entity_id
_entity_poly.type
_entity_poly.pdbx_seq_one_letter_code
_entity_poly.pdbx_strand_id
1 'polypeptide(L)'
;SPGVPQRLFPLRCLQISSFANSSWTRTDGLAWLGELQTHSWSNDSDTVRSLKPWSQGTFSDQQWETLQHIFRVYRSSFTR
DVKEFAKMLRLSYPLELQVSAGCEVHPGNASNNFFHVAFQGKDILSFQGTSWEPTQEAPLWVNLAIQVLNQDKWTRETVQ
WLLNGTCPQFVSGLLESGKSELKKQVKPKAWLSRGPSPGPGRLLLVCHVSGFYPKPVWVKWMRGEQEQQGTQPGDILPNA
DETWYLRATLDVVAGEAAGLSCRVKHSSLEGQDIVLYWHHHHHH
;
A
2 'polypeptide(L)'
;IQRTPKIQVYSRHPAENGKSNFLNCYVSGFHPSDIEVDLLKNGERIEKVEHSDLSFSKDWSFYLLYYTEFTPTEKDEYAC
RVNHVTLSQPKIVKWDRDM
;
B
3 'polypeptide(L)'
;MKNQVEQSPQSLIILEGKNCTLQCNYTVSPFSNLRWYKQDTGRGPVSLTIMTFSENTKSNGRYTATLDADTKQSSLHITA
SQLSDSASYICVVSDRGSTLGRLYFGRGTQLTVWPDIQNPDPAVYQLRDSKSSDKSVCLFTDFDSQTNVSQSKDSDVYIT
DKCVLDMRSMDFKSNSAVAWSNKSDFACANAFNNSIIPEDTFFPSPESS
;
C
4 'polypeptide(L)'
;MEADIYQTPRYLVIGTGKKITLECSQTMGHDKMYWYQQDPGMELHLIHYSYGVNSTEKGDLSSESTVSRIRTEHFPLTLE
SARPSHTSQYLCASSGLRDRGLYEQYFGPGTRLTVTEDLKNVFPPEVAVFEPSEAEISHTQKATLVCLATGFYPDHVELS
WWVNGKEVHSGVCTDPQPLKEQPALNDSRYALSSRLRVSATFWQNPRNHFRCQVQFYGLSENDEWTQDRAKPVTQIVSAE
AWGRAD
;
D
#
# COMPACT_ATOMS: atom_id res chain seq x y z
N PHE A 9 -5.63 -32.57 -24.55
CA PHE A 9 -5.35 -32.66 -23.12
C PHE A 9 -5.01 -31.30 -22.50
N PRO A 10 -6.02 -30.65 -21.91
CA PRO A 10 -5.87 -29.31 -21.33
C PRO A 10 -4.98 -29.30 -20.09
N LEU A 11 -4.21 -28.23 -19.92
CA LEU A 11 -3.43 -28.06 -18.70
C LEU A 11 -4.19 -27.13 -17.78
N ARG A 12 -4.72 -27.67 -16.69
CA ARG A 12 -5.48 -26.87 -15.73
C ARG A 12 -4.64 -26.54 -14.51
N CYS A 13 -4.33 -25.26 -14.32
CA CYS A 13 -3.69 -24.81 -13.10
C CYS A 13 -4.73 -24.38 -12.08
N LEU A 14 -4.92 -25.18 -11.05
CA LEU A 14 -5.93 -24.89 -10.05
C LEU A 14 -5.36 -24.18 -8.84
N GLN A 15 -6.23 -23.62 -8.00
CA GLN A 15 -5.79 -22.92 -6.79
C GLN A 15 -6.94 -22.73 -5.81
N ILE A 16 -6.72 -23.15 -4.57
CA ILE A 16 -7.72 -22.96 -3.53
C ILE A 16 -7.15 -22.13 -2.41
N SER A 17 -7.75 -20.96 -2.18
CA SER A 17 -7.32 -20.07 -1.10
C SER A 17 -8.41 -19.99 -0.04
N SER A 18 -8.05 -20.28 1.21
CA SER A 18 -9.00 -20.16 2.29
C SER A 18 -8.57 -19.11 3.28
N PHE A 19 -9.51 -18.26 3.67
CA PHE A 19 -9.24 -17.21 4.63
C PHE A 19 -10.19 -17.40 5.80
N ALA A 20 -9.70 -18.03 6.86
CA ALA A 20 -10.51 -18.27 8.04
C ALA A 20 -10.97 -16.93 8.59
N ASN A 21 -10.01 -16.17 9.10
CA ASN A 21 -10.29 -14.81 9.52
C ASN A 21 -9.23 -13.88 8.98
N SER A 22 -9.24 -12.64 9.46
CA SER A 22 -8.31 -11.60 9.00
C SER A 22 -6.85 -12.04 9.03
N SER A 23 -6.52 -12.96 9.94
CA SER A 23 -5.13 -13.31 10.18
C SER A 23 -4.83 -14.81 10.11
N TRP A 24 -5.64 -15.54 9.36
CA TRP A 24 -5.36 -16.95 9.11
C TRP A 24 -5.71 -17.35 7.69
N THR A 25 -4.70 -17.65 6.90
CA THR A 25 -4.91 -17.99 5.50
C THR A 25 -4.14 -19.23 5.09
N ARG A 26 -4.57 -19.82 3.99
CA ARG A 26 -3.79 -20.85 3.32
C ARG A 26 -4.15 -20.85 1.85
N THR A 27 -3.15 -21.02 1.00
CA THR A 27 -3.35 -21.08 -0.43
C THR A 27 -2.54 -22.22 -1.03
N ASP A 28 -3.21 -23.27 -1.46
CA ASP A 28 -2.54 -24.41 -2.08
C ASP A 28 -2.97 -24.54 -3.54
N GLY A 29 -2.10 -25.13 -4.36
CA GLY A 29 -2.36 -25.23 -5.78
C GLY A 29 -1.86 -26.52 -6.42
N LEU A 30 -2.39 -26.83 -7.61
CA LEU A 30 -2.02 -28.05 -8.34
C LEU A 30 -2.23 -27.88 -9.84
N ALA A 31 -1.74 -28.83 -10.62
CA ALA A 31 -1.83 -28.76 -12.09
C ALA A 31 -2.23 -30.09 -12.71
N TRP A 32 -3.30 -30.07 -13.50
CA TRP A 32 -3.79 -31.27 -14.18
C TRP A 32 -3.49 -31.20 -15.67
N LEU A 33 -2.58 -32.04 -16.14
CA LEU A 33 -2.38 -32.23 -17.57
C LEU A 33 -3.31 -33.35 -18.03
N GLY A 34 -4.49 -32.97 -18.52
CA GLY A 34 -5.52 -33.94 -18.80
C GLY A 34 -6.10 -34.45 -17.50
N GLU A 35 -6.29 -35.77 -17.41
CA GLU A 35 -6.84 -36.39 -16.21
C GLU A 35 -5.74 -36.69 -15.19
N LEU A 36 -4.50 -36.37 -15.55
CA LEU A 36 -3.35 -36.69 -14.70
C LEU A 36 -2.69 -35.45 -14.10
N GLN A 37 -2.63 -35.39 -12.77
CA GLN A 37 -2.00 -34.27 -12.08
C GLN A 37 -0.48 -34.28 -12.29
N THR A 38 0.10 -33.11 -12.52
CA THR A 38 1.53 -33.03 -12.86
C THR A 38 2.40 -32.23 -11.89
N HIS A 39 1.79 -31.34 -11.10
CA HIS A 39 2.53 -30.53 -10.14
C HIS A 39 1.77 -30.40 -8.82
N SER A 40 2.45 -29.87 -7.80
CA SER A 40 1.84 -29.66 -6.49
C SER A 40 2.50 -28.47 -5.77
N TRP A 41 1.74 -27.80 -4.92
CA TRP A 41 2.20 -26.55 -4.31
C TRP A 41 1.43 -26.26 -3.02
N SER A 42 2.11 -26.29 -1.88
CA SER A 42 1.43 -26.06 -0.60
C SER A 42 1.85 -24.75 0.08
N ASN A 43 0.98 -24.23 0.93
CA ASN A 43 1.20 -22.95 1.61
C ASN A 43 2.48 -22.94 2.43
N ASP A 44 2.92 -24.13 2.82
CA ASP A 44 4.10 -24.26 3.68
C ASP A 44 5.30 -24.78 2.89
N SER A 45 5.22 -24.66 1.56
CA SER A 45 6.32 -25.01 0.67
C SER A 45 6.85 -23.78 -0.04
N ASP A 46 8.13 -23.47 0.15
CA ASP A 46 8.72 -22.27 -0.44
C ASP A 46 8.94 -22.41 -1.95
N THR A 47 8.77 -23.63 -2.46
CA THR A 47 8.94 -23.88 -3.88
C THR A 47 7.73 -24.64 -4.40
N VAL A 48 7.81 -25.07 -5.65
CA VAL A 48 6.79 -25.93 -6.22
C VAL A 48 7.37 -27.34 -6.38
N ARG A 49 6.62 -28.35 -5.93
CA ARG A 49 7.09 -29.72 -5.95
C ARG A 49 6.82 -30.39 -7.30
N SER A 50 7.71 -31.30 -7.69
CA SER A 50 7.57 -32.05 -8.93
C SER A 50 7.18 -33.50 -8.64
N LEU A 51 6.00 -33.90 -9.11
CA LEU A 51 5.47 -35.24 -8.86
C LEU A 51 6.04 -36.25 -9.84
N LYS A 52 5.72 -36.06 -11.11
CA LYS A 52 6.29 -36.89 -12.17
C LYS A 52 7.67 -36.37 -12.55
N PRO A 53 8.59 -37.29 -12.88
CA PRO A 53 9.96 -36.92 -13.28
C PRO A 53 10.05 -36.13 -14.59
N TRP A 54 8.96 -35.49 -15.01
CA TRP A 54 8.98 -34.66 -16.21
C TRP A 54 8.06 -33.45 -16.07
N SER A 55 7.95 -32.95 -14.84
CA SER A 55 7.11 -31.78 -14.56
C SER A 55 7.80 -30.47 -14.95
N GLN A 56 9.06 -30.58 -15.36
CA GLN A 56 9.81 -29.41 -15.82
C GLN A 56 9.60 -29.20 -17.31
N GLY A 57 9.17 -30.27 -17.99
CA GLY A 57 8.89 -30.22 -19.40
C GLY A 57 10.12 -30.06 -20.26
N THR A 58 10.03 -29.18 -21.26
CA THR A 58 11.16 -28.88 -22.12
C THR A 58 11.77 -27.52 -21.74
N PHE A 59 11.19 -26.87 -20.74
CA PHE A 59 11.70 -25.59 -20.26
C PHE A 59 13.04 -25.78 -19.55
N SER A 60 13.98 -24.88 -19.82
CA SER A 60 15.31 -24.95 -19.25
C SER A 60 15.31 -24.79 -17.74
N ASP A 61 16.38 -25.25 -17.10
CA ASP A 61 16.52 -25.12 -15.65
C ASP A 61 16.81 -23.68 -15.25
N GLN A 62 17.27 -22.87 -16.21
CA GLN A 62 17.52 -21.46 -15.97
C GLN A 62 16.26 -20.64 -16.26
N GLN A 63 15.18 -21.33 -16.56
CA GLN A 63 13.90 -20.67 -16.81
C GLN A 63 12.80 -21.21 -15.90
N TRP A 64 13.00 -22.44 -15.41
CA TRP A 64 12.07 -23.05 -14.47
C TRP A 64 12.11 -22.30 -13.14
N GLU A 65 13.23 -21.65 -12.86
CA GLU A 65 13.38 -20.83 -11.67
C GLU A 65 12.67 -19.49 -11.84
N THR A 66 12.39 -19.12 -13.08
CA THR A 66 11.68 -17.88 -13.37
C THR A 66 10.20 -18.06 -13.05
N LEU A 67 9.66 -19.22 -13.42
CA LEU A 67 8.29 -19.58 -13.06
C LEU A 67 8.16 -19.74 -11.56
N GLN A 68 9.22 -20.25 -10.94
CA GLN A 68 9.26 -20.44 -9.50
C GLN A 68 9.16 -19.10 -8.79
N HIS A 69 9.89 -18.12 -9.29
CA HIS A 69 9.90 -16.80 -8.67
C HIS A 69 8.57 -16.08 -8.85
N ILE A 70 8.02 -16.14 -10.06
CA ILE A 70 6.76 -15.47 -10.38
C ILE A 70 5.62 -15.89 -9.45
N PHE A 71 5.45 -17.19 -9.28
CA PHE A 71 4.36 -17.72 -8.46
C PHE A 71 4.54 -17.38 -6.99
N ARG A 72 5.79 -17.30 -6.55
CA ARG A 72 6.08 -16.91 -5.17
C ARG A 72 5.57 -15.49 -4.89
N VAL A 73 5.84 -14.58 -5.83
CA VAL A 73 5.39 -13.19 -5.71
C VAL A 73 3.87 -13.12 -5.81
N TYR A 74 3.32 -13.88 -6.75
CA TYR A 74 1.87 -13.94 -6.96
C TYR A 74 1.15 -14.41 -5.70
N ARG A 75 1.70 -15.42 -5.03
CA ARG A 75 1.05 -16.01 -3.87
C ARG A 75 0.92 -15.03 -2.71
N SER A 76 2.00 -14.31 -2.40
CA SER A 76 1.99 -13.39 -1.28
C SER A 76 1.22 -12.12 -1.63
N SER A 77 1.16 -11.82 -2.91
CA SER A 77 0.43 -10.64 -3.37
C SER A 77 -1.06 -10.91 -3.36
N PHE A 78 -1.43 -12.06 -3.91
CA PHE A 78 -2.85 -12.47 -3.98
C PHE A 78 -3.45 -12.50 -2.59
N THR A 79 -2.68 -13.00 -1.62
CA THR A 79 -3.19 -13.13 -0.26
C THR A 79 -3.43 -11.76 0.37
N ARG A 80 -2.50 -10.83 0.18
CA ARG A 80 -2.68 -9.50 0.72
C ARG A 80 -3.79 -8.74 -0.02
N ASP A 81 -3.92 -8.98 -1.32
CA ASP A 81 -4.92 -8.32 -2.13
C ASP A 81 -6.35 -8.68 -1.72
N VAL A 82 -6.59 -9.97 -1.47
CA VAL A 82 -7.91 -10.42 -1.03
C VAL A 82 -8.21 -9.90 0.37
N LYS A 83 -7.20 -9.92 1.23
CA LYS A 83 -7.32 -9.35 2.57
C LYS A 83 -7.76 -7.89 2.52
N GLU A 84 -7.30 -7.17 1.51
CA GLU A 84 -7.59 -5.73 1.38
C GLU A 84 -8.94 -5.48 0.71
N PHE A 85 -9.30 -6.34 -0.24
CA PHE A 85 -10.61 -6.27 -0.89
C PHE A 85 -11.70 -6.56 0.13
N ALA A 86 -11.36 -7.39 1.13
CA ALA A 86 -12.31 -7.72 2.19
C ALA A 86 -12.66 -6.50 3.01
N LYS A 87 -11.68 -5.64 3.24
CA LYS A 87 -11.89 -4.39 3.97
C LYS A 87 -12.73 -3.42 3.14
N MET A 88 -12.36 -3.27 1.87
CA MET A 88 -13.02 -2.34 0.97
C MET A 88 -14.48 -2.67 0.75
N LEU A 89 -14.77 -3.92 0.42
CA LEU A 89 -16.11 -4.34 0.05
C LEU A 89 -16.92 -4.84 1.23
N ARG A 90 -16.39 -4.65 2.43
CA ARG A 90 -17.05 -5.07 3.66
C ARG A 90 -17.39 -6.55 3.68
N LEU A 91 -16.70 -7.33 2.84
CA LEU A 91 -16.94 -8.76 2.76
C LEU A 91 -16.62 -9.43 4.09
N SER A 92 -17.49 -10.31 4.55
CA SER A 92 -17.33 -10.94 5.84
C SER A 92 -16.71 -12.32 5.73
N TYR A 93 -15.65 -12.54 6.49
CA TYR A 93 -14.95 -13.82 6.55
C TYR A 93 -15.90 -14.92 7.04
N PRO A 94 -15.65 -16.18 6.64
CA PRO A 94 -14.54 -16.65 5.79
C PRO A 94 -14.79 -16.42 4.31
N LEU A 95 -13.71 -16.36 3.54
CA LEU A 95 -13.78 -16.18 2.10
C LEU A 95 -13.08 -17.35 1.42
N GLU A 96 -13.66 -17.83 0.33
CA GLU A 96 -13.09 -18.95 -0.41
C GLU A 96 -13.02 -18.62 -1.89
N LEU A 97 -11.82 -18.33 -2.36
CA LEU A 97 -11.63 -18.11 -3.80
C LEU A 97 -10.91 -19.27 -4.46
N GLN A 98 -11.49 -19.78 -5.54
CA GLN A 98 -10.79 -20.73 -6.38
C GLN A 98 -10.37 -20.00 -7.64
N VAL A 99 -9.30 -20.47 -8.29
CA VAL A 99 -8.85 -19.90 -9.54
C VAL A 99 -8.52 -21.01 -10.54
N SER A 100 -9.22 -21.01 -11.66
CA SER A 100 -9.00 -22.01 -12.69
C SER A 100 -8.35 -21.38 -13.91
N ALA A 101 -7.02 -21.40 -13.95
CA ALA A 101 -6.26 -20.92 -15.10
C ALA A 101 -6.11 -22.03 -16.14
N GLY A 102 -5.14 -21.86 -17.03
CA GLY A 102 -4.83 -22.92 -17.99
C GLY A 102 -5.03 -22.59 -19.46
N CYS A 103 -4.85 -23.61 -20.29
CA CYS A 103 -5.02 -23.48 -21.73
C CYS A 103 -4.97 -24.87 -22.36
N GLU A 104 -4.75 -24.90 -23.67
CA GLU A 104 -4.58 -26.15 -24.40
C GLU A 104 -3.90 -25.88 -25.73
N VAL A 105 -3.64 -26.94 -26.49
CA VAL A 105 -2.94 -26.81 -27.76
C VAL A 105 -3.89 -26.90 -28.95
N SER A 111 -4.76 -21.87 -30.24
CA SER A 111 -4.74 -22.51 -28.93
C SER A 111 -5.38 -21.60 -27.87
N ASN A 112 -6.70 -21.72 -27.73
CA ASN A 112 -7.44 -20.89 -26.79
C ASN A 112 -7.11 -21.18 -25.32
N ASN A 113 -7.11 -20.12 -24.51
CA ASN A 113 -6.84 -20.24 -23.08
C ASN A 113 -8.02 -19.75 -22.26
N PHE A 114 -7.81 -19.62 -20.96
CA PHE A 114 -8.87 -19.22 -20.03
C PHE A 114 -8.33 -18.94 -18.65
N PHE A 115 -9.05 -18.12 -17.88
CA PHE A 115 -8.63 -17.73 -16.55
C PHE A 115 -9.85 -17.34 -15.75
N HIS A 116 -10.51 -18.31 -15.13
CA HIS A 116 -11.73 -18.04 -14.36
C HIS A 116 -11.46 -18.07 -12.86
N VAL A 117 -11.91 -17.03 -12.17
CA VAL A 117 -11.87 -17.03 -10.71
C VAL A 117 -13.28 -17.12 -10.15
N ALA A 118 -13.43 -17.72 -8.98
CA ALA A 118 -14.73 -17.92 -8.36
C ALA A 118 -14.69 -17.59 -6.88
N PHE A 119 -15.78 -17.01 -6.37
CA PHE A 119 -15.87 -16.62 -4.96
C PHE A 119 -17.01 -17.35 -4.26
N GLN A 120 -16.67 -18.06 -3.18
CA GLN A 120 -17.60 -18.94 -2.47
C GLN A 120 -18.28 -19.90 -3.45
N GLY A 121 -17.49 -20.47 -4.35
CA GLY A 121 -18.00 -21.47 -5.28
C GLY A 121 -18.91 -20.92 -6.36
N LYS A 122 -18.81 -19.62 -6.62
CA LYS A 122 -19.62 -19.01 -7.66
C LYS A 122 -18.78 -18.09 -8.54
N ASP A 123 -18.92 -18.24 -9.85
CA ASP A 123 -18.18 -17.42 -10.80
C ASP A 123 -18.49 -15.94 -10.62
N ILE A 124 -17.45 -15.13 -10.45
CA ILE A 124 -17.65 -13.69 -10.31
C ILE A 124 -16.92 -12.90 -11.40
N LEU A 125 -15.85 -13.46 -11.93
CA LEU A 125 -15.09 -12.78 -12.97
C LEU A 125 -14.11 -13.70 -13.67
N SER A 126 -13.41 -13.14 -14.65
CA SER A 126 -12.45 -13.90 -15.44
C SER A 126 -11.57 -12.96 -16.24
N PHE A 127 -10.56 -13.51 -16.91
CA PHE A 127 -9.66 -12.71 -17.70
C PHE A 127 -9.92 -12.93 -19.18
N GLN A 128 -10.83 -12.14 -19.73
CA GLN A 128 -11.12 -12.19 -21.15
C GLN A 128 -10.48 -11.00 -21.86
N GLY A 129 -9.81 -11.28 -22.97
CA GLY A 129 -9.22 -10.23 -23.78
C GLY A 129 -7.87 -9.72 -23.29
N THR A 130 -7.84 -8.47 -22.86
CA THR A 130 -6.61 -7.85 -22.40
C THR A 130 -6.73 -7.39 -20.96
N SER A 131 -7.83 -7.75 -20.31
CA SER A 131 -8.09 -7.34 -18.92
C SER A 131 -9.14 -8.22 -18.25
N TRP A 132 -9.68 -7.75 -17.13
CA TRP A 132 -10.65 -8.53 -16.35
C TRP A 132 -12.09 -8.13 -16.67
N GLU A 133 -12.91 -9.13 -16.98
CA GLU A 133 -14.33 -8.91 -17.27
C GLU A 133 -15.18 -9.77 -16.35
N PRO A 134 -16.11 -9.13 -15.62
CA PRO A 134 -17.00 -9.82 -14.68
C PRO A 134 -17.99 -10.76 -15.37
N THR A 135 -18.56 -11.70 -14.63
CA THR A 135 -19.48 -12.67 -15.20
C THR A 135 -20.90 -12.12 -15.27
N GLN A 136 -21.77 -12.85 -15.94
CA GLN A 136 -23.15 -12.42 -16.17
C GLN A 136 -23.93 -12.21 -14.88
N GLU A 137 -24.04 -13.26 -14.07
CA GLU A 137 -24.84 -13.22 -12.86
C GLU A 137 -24.03 -12.77 -11.64
N ALA A 138 -22.94 -12.04 -11.89
CA ALA A 138 -22.06 -11.55 -10.84
C ALA A 138 -22.71 -10.41 -10.05
N PRO A 139 -22.47 -10.36 -8.73
CA PRO A 139 -22.98 -9.30 -7.85
C PRO A 139 -22.48 -7.94 -8.30
N LEU A 140 -23.10 -6.88 -7.79
CA LEU A 140 -22.75 -5.52 -8.20
C LEU A 140 -21.35 -5.12 -7.77
N TRP A 141 -20.96 -5.53 -6.57
CA TRP A 141 -19.69 -5.09 -6.00
C TRP A 141 -18.47 -5.66 -6.71
N VAL A 142 -18.68 -6.54 -7.68
CA VAL A 142 -17.56 -7.09 -8.42
C VAL A 142 -17.02 -6.02 -9.36
N ASN A 143 -17.90 -5.13 -9.81
CA ASN A 143 -17.52 -4.02 -10.67
C ASN A 143 -16.45 -3.18 -9.98
N LEU A 144 -16.56 -3.09 -8.66
CA LEU A 144 -15.58 -2.39 -7.86
C LEU A 144 -14.22 -3.06 -7.92
N ALA A 145 -14.21 -4.39 -7.91
CA ALA A 145 -12.96 -5.15 -7.99
C ALA A 145 -12.31 -4.98 -9.36
N ILE A 146 -13.13 -5.12 -10.40
CA ILE A 146 -12.68 -4.99 -11.78
C ILE A 146 -12.07 -3.62 -12.05
N GLN A 147 -12.73 -2.58 -11.57
CA GLN A 147 -12.28 -1.21 -11.73
C GLN A 147 -10.87 -1.00 -11.17
N VAL A 148 -10.52 -1.78 -10.14
CA VAL A 148 -9.24 -1.65 -9.47
C VAL A 148 -8.21 -2.66 -9.99
N LEU A 149 -8.68 -3.86 -10.31
CA LEU A 149 -7.82 -4.86 -10.95
C LEU A 149 -7.28 -4.36 -12.28
N ASN A 150 -8.08 -3.57 -12.99
CA ASN A 150 -7.71 -3.08 -14.30
C ASN A 150 -6.83 -1.85 -14.27
N GLN A 151 -6.46 -1.42 -13.07
CA GLN A 151 -5.54 -0.29 -12.95
C GLN A 151 -4.10 -0.78 -13.08
N ASP A 152 -3.84 -1.96 -12.53
CA ASP A 152 -2.52 -2.56 -12.59
C ASP A 152 -2.21 -2.93 -14.04
N LYS A 153 -1.40 -2.12 -14.69
CA LYS A 153 -1.06 -2.36 -16.09
C LYS A 153 -0.14 -3.55 -16.25
N TRP A 154 0.93 -3.59 -15.45
CA TRP A 154 1.96 -4.61 -15.58
C TRP A 154 1.43 -6.02 -15.37
N THR A 155 0.52 -6.17 -14.40
CA THR A 155 -0.09 -7.48 -14.13
C THR A 155 -0.95 -7.97 -15.28
N ARG A 156 -1.72 -7.07 -15.89
CA ARG A 156 -2.60 -7.41 -17.00
C ARG A 156 -1.85 -7.96 -18.21
N GLU A 157 -0.73 -7.35 -18.55
CA GLU A 157 0.09 -7.80 -19.67
C GLU A 157 0.85 -9.07 -19.31
N THR A 158 1.21 -9.20 -18.04
CA THR A 158 1.98 -10.34 -17.59
C THR A 158 1.15 -11.62 -17.61
N VAL A 159 -0.15 -11.49 -17.40
CA VAL A 159 -1.03 -12.64 -17.54
C VAL A 159 -1.07 -13.05 -19.01
N GLN A 160 -1.18 -12.07 -19.90
CA GLN A 160 -1.11 -12.30 -21.33
C GLN A 160 0.20 -12.97 -21.72
N TRP A 161 1.29 -12.48 -21.15
CA TRP A 161 2.63 -13.02 -21.44
C TRP A 161 2.75 -14.49 -21.06
N LEU A 162 1.86 -14.94 -20.19
CA LEU A 162 1.87 -16.34 -19.75
C LEU A 162 0.78 -17.15 -20.46
N LEU A 163 -0.39 -16.56 -20.63
CA LEU A 163 -1.53 -17.27 -21.22
C LEU A 163 -1.44 -17.48 -22.74
N ASN A 164 -0.98 -16.46 -23.44
CA ASN A 164 -1.00 -16.49 -24.89
C ASN A 164 0.30 -17.01 -25.50
N GLY A 165 1.38 -16.99 -24.72
CA GLY A 165 2.68 -17.37 -25.23
C GLY A 165 3.44 -18.41 -24.43
N THR A 166 3.52 -18.21 -23.12
CA THR A 166 4.27 -19.12 -22.25
C THR A 166 3.57 -20.46 -22.12
N CYS A 167 2.39 -20.44 -21.51
CA CYS A 167 1.59 -21.65 -21.31
C CYS A 167 1.38 -22.53 -22.56
N PRO A 168 1.06 -21.93 -23.71
CA PRO A 168 0.95 -22.79 -24.91
C PRO A 168 2.28 -23.43 -25.31
N GLN A 169 3.39 -22.74 -25.06
CA GLN A 169 4.71 -23.28 -25.39
C GLN A 169 5.14 -24.32 -24.36
N PHE A 170 4.60 -24.21 -23.16
CA PHE A 170 4.95 -25.10 -22.05
C PHE A 170 4.28 -26.47 -22.20
N VAL A 171 2.97 -26.46 -22.44
CA VAL A 171 2.18 -27.68 -22.62
C VAL A 171 2.72 -28.52 -23.78
N SER A 172 3.26 -27.83 -24.77
CA SER A 172 3.96 -28.50 -25.87
C SER A 172 5.14 -29.29 -25.30
N GLY A 173 5.94 -28.63 -24.47
CA GLY A 173 7.10 -29.26 -23.86
C GLY A 173 6.75 -30.40 -22.93
N LEU A 174 5.64 -30.25 -22.21
CA LEU A 174 5.16 -31.30 -21.32
C LEU A 174 4.68 -32.52 -22.09
N LEU A 175 3.78 -32.30 -23.04
CA LEU A 175 3.18 -33.38 -23.83
C LEU A 175 4.20 -34.20 -24.61
N GLU A 176 5.41 -33.66 -24.76
CA GLU A 176 6.50 -34.40 -25.40
C GLU A 176 7.29 -35.17 -24.34
N SER A 177 7.84 -34.44 -23.39
CA SER A 177 8.56 -35.05 -22.27
C SER A 177 7.57 -35.68 -21.29
N GLY A 178 7.24 -36.94 -21.52
CA GLY A 178 6.29 -37.64 -20.67
C GLY A 178 4.99 -37.97 -21.38
N LYS A 179 5.12 -38.53 -22.59
CA LYS A 179 3.96 -38.90 -23.38
C LYS A 179 3.71 -40.40 -23.28
N SER A 180 4.74 -41.14 -22.87
CA SER A 180 4.63 -42.57 -22.66
C SER A 180 3.65 -42.85 -21.52
N GLU A 181 3.67 -41.98 -20.53
CA GLU A 181 2.78 -42.12 -19.37
C GLU A 181 1.39 -41.60 -19.68
N LEU A 182 1.24 -40.93 -20.82
CA LEU A 182 -0.01 -40.28 -21.18
C LEU A 182 -0.89 -41.15 -22.09
N LYS A 183 -0.23 -41.91 -22.96
CA LYS A 183 -0.94 -42.85 -23.83
C LYS A 183 -0.93 -44.23 -23.21
N LYS A 184 -0.53 -44.28 -21.94
CA LYS A 184 -0.41 -45.53 -21.19
C LYS A 184 -1.75 -46.24 -21.03
N GLN A 185 -1.82 -47.48 -21.49
CA GLN A 185 -3.03 -48.27 -21.40
C GLN A 185 -2.93 -49.35 -20.32
N VAL A 186 -4.02 -49.51 -19.56
CA VAL A 186 -4.10 -50.52 -18.51
C VAL A 186 -5.42 -51.28 -18.57
N LYS A 187 -5.35 -52.59 -18.75
CA LYS A 187 -6.55 -53.42 -18.80
C LYS A 187 -7.09 -53.66 -17.39
N PRO A 188 -8.41 -53.46 -17.21
CA PRO A 188 -9.04 -53.55 -15.90
C PRO A 188 -9.44 -54.97 -15.50
N LYS A 189 -10.40 -55.07 -14.58
CA LYS A 189 -10.97 -56.34 -14.15
C LYS A 189 -12.34 -56.08 -13.53
N ALA A 190 -13.26 -57.03 -13.68
CA ALA A 190 -14.62 -56.83 -13.21
C ALA A 190 -15.19 -58.03 -12.43
N TRP A 191 -16.12 -57.74 -11.53
CA TRP A 191 -16.80 -58.78 -10.77
C TRP A 191 -18.22 -58.33 -10.40
N LEU A 192 -19.10 -59.30 -10.20
CA LEU A 192 -20.50 -59.01 -9.90
C LEU A 192 -20.80 -59.31 -8.43
N SER A 193 -21.67 -58.51 -7.82
CA SER A 193 -22.00 -58.70 -6.42
C SER A 193 -23.50 -58.54 -6.17
N ARG A 194 -23.91 -58.79 -4.93
CA ARG A 194 -25.32 -58.65 -4.55
C ARG A 194 -25.50 -57.43 -3.65
N GLY A 195 -26.36 -56.52 -4.07
CA GLY A 195 -26.64 -55.33 -3.29
C GLY A 195 -27.90 -55.47 -2.45
N PRO A 196 -28.02 -54.65 -1.39
CA PRO A 196 -29.16 -54.65 -0.45
C PRO A 196 -30.51 -54.61 -1.16
N SER A 197 -31.28 -55.68 -1.01
CA SER A 197 -32.56 -55.84 -1.69
C SER A 197 -33.53 -54.70 -1.41
N PRO A 198 -33.89 -53.94 -2.45
CA PRO A 198 -34.88 -52.87 -2.36
C PRO A 198 -36.27 -53.42 -2.03
N GLY A 201 -40.04 -58.15 -3.49
CA GLY A 201 -39.15 -59.24 -3.86
C GLY A 201 -38.04 -58.80 -4.78
N ARG A 202 -37.84 -57.49 -4.87
CA ARG A 202 -36.82 -56.91 -5.73
C ARG A 202 -35.42 -57.18 -5.19
N LEU A 203 -34.44 -57.28 -6.09
CA LEU A 203 -33.05 -57.47 -5.70
C LEU A 203 -32.18 -56.33 -6.25
N LEU A 204 -30.86 -56.47 -6.12
CA LEU A 204 -29.95 -55.43 -6.59
C LEU A 204 -28.68 -56.00 -7.20
N LEU A 205 -28.64 -56.03 -8.54
CA LEU A 205 -27.46 -56.50 -9.26
C LEU A 205 -26.43 -55.39 -9.37
N VAL A 206 -25.17 -55.70 -9.06
CA VAL A 206 -24.10 -54.70 -9.06
C VAL A 206 -22.89 -55.16 -9.87
N CYS A 207 -22.55 -54.40 -10.90
CA CYS A 207 -21.42 -54.74 -11.77
C CYS A 207 -20.19 -53.89 -11.44
N HIS A 208 -19.25 -54.45 -10.68
CA HIS A 208 -18.05 -53.73 -10.26
C HIS A 208 -16.98 -53.73 -11.34
N VAL A 209 -16.39 -52.56 -11.60
CA VAL A 209 -15.28 -52.44 -12.55
C VAL A 209 -14.18 -51.57 -11.94
N SER A 210 -12.93 -52.03 -12.00
CA SER A 210 -11.83 -51.31 -11.37
C SER A 210 -10.48 -51.51 -12.05
N GLY A 211 -9.65 -50.47 -12.05
CA GLY A 211 -8.28 -50.58 -12.51
C GLY A 211 -8.01 -50.06 -13.92
N PHE A 212 -9.06 -49.55 -14.57
CA PHE A 212 -8.91 -49.11 -15.96
C PHE A 212 -8.20 -47.77 -16.14
N TYR A 213 -7.98 -47.40 -17.40
CA TYR A 213 -7.10 -46.29 -17.75
C TYR A 213 -7.14 -46.16 -19.27
N PRO A 214 -7.48 -44.97 -19.80
CA PRO A 214 -7.80 -43.72 -19.11
C PRO A 214 -9.26 -43.66 -18.65
N LYS A 215 -9.65 -42.50 -18.13
CA LYS A 215 -10.98 -42.28 -17.56
C LYS A 215 -12.21 -42.71 -18.40
N PRO A 216 -12.21 -42.45 -19.73
CA PRO A 216 -13.40 -42.82 -20.50
C PRO A 216 -13.78 -44.30 -20.39
N VAL A 217 -15.08 -44.58 -20.30
CA VAL A 217 -15.56 -45.94 -20.09
C VAL A 217 -17.03 -46.08 -20.47
N TRP A 218 -17.45 -47.31 -20.79
CA TRP A 218 -18.85 -47.61 -21.06
C TRP A 218 -19.27 -48.93 -20.43
N VAL A 219 -20.14 -48.85 -19.42
CA VAL A 219 -20.64 -50.04 -18.73
C VAL A 219 -22.15 -49.99 -18.54
N LYS A 220 -22.85 -50.98 -19.09
CA LYS A 220 -24.31 -51.04 -18.99
C LYS A 220 -24.76 -52.47 -18.74
N TRP A 221 -25.97 -52.62 -18.20
CA TRP A 221 -26.52 -53.94 -17.93
C TRP A 221 -27.30 -54.46 -19.14
N MET A 222 -26.57 -54.93 -20.15
CA MET A 222 -27.18 -55.48 -21.35
C MET A 222 -27.38 -56.97 -21.21
N GLU A 227 -29.52 -53.59 -24.05
CA GLU A 227 -29.31 -52.83 -22.81
C GLU A 227 -30.63 -52.49 -22.15
N GLN A 228 -30.86 -53.03 -20.95
CA GLN A 228 -32.08 -52.77 -20.20
C GLN A 228 -32.19 -51.32 -19.77
N GLN A 229 -33.34 -50.71 -20.04
CA GLN A 229 -33.56 -49.29 -19.74
C GLN A 229 -33.83 -49.05 -18.25
N GLY A 230 -32.87 -49.42 -17.42
CA GLY A 230 -32.97 -49.24 -15.98
C GLY A 230 -31.62 -49.25 -15.31
N THR A 231 -30.57 -49.46 -16.10
CA THR A 231 -29.20 -49.48 -15.61
C THR A 231 -28.81 -48.12 -15.04
N GLN A 232 -28.20 -48.12 -13.87
CA GLN A 232 -27.73 -46.89 -13.24
C GLN A 232 -26.20 -46.90 -13.10
N PRO A 233 -25.50 -46.50 -14.16
CA PRO A 233 -24.03 -46.45 -14.11
C PRO A 233 -23.55 -45.34 -13.20
N GLY A 234 -22.95 -45.70 -12.07
CA GLY A 234 -22.53 -44.73 -11.08
C GLY A 234 -21.39 -43.83 -11.54
N ASP A 235 -20.87 -43.03 -10.61
CA ASP A 235 -19.79 -42.10 -10.92
C ASP A 235 -18.48 -42.86 -11.11
N ILE A 236 -17.50 -42.22 -11.72
CA ILE A 236 -16.19 -42.83 -11.92
C ILE A 236 -15.23 -42.46 -10.79
N LEU A 237 -15.08 -43.38 -9.83
CA LEU A 237 -14.27 -43.12 -8.64
C LEU A 237 -12.80 -43.46 -8.87
N PRO A 238 -11.88 -42.63 -8.35
CA PRO A 238 -10.44 -42.78 -8.57
C PRO A 238 -9.75 -43.77 -7.63
N ASN A 239 -8.64 -44.33 -8.09
CA ASN A 239 -7.79 -45.17 -7.25
C ASN A 239 -6.41 -44.57 -7.04
N ALA A 240 -5.75 -44.98 -5.96
CA ALA A 240 -4.46 -44.43 -5.57
C ALA A 240 -3.38 -44.54 -6.66
N ASP A 241 -3.52 -45.54 -7.52
CA ASP A 241 -2.53 -45.81 -8.55
C ASP A 241 -2.83 -45.10 -9.86
N GLU A 242 -3.48 -43.94 -9.76
CA GLU A 242 -3.85 -43.15 -10.93
C GLU A 242 -4.70 -43.95 -11.92
N THR A 243 -5.64 -44.73 -11.39
CA THR A 243 -6.59 -45.44 -12.21
C THR A 243 -8.00 -45.16 -11.68
N TRP A 244 -9.01 -45.84 -12.24
CA TRP A 244 -10.39 -45.53 -11.89
C TRP A 244 -11.22 -46.76 -11.47
N TYR A 245 -12.42 -46.47 -10.97
CA TYR A 245 -13.32 -47.49 -10.43
C TYR A 245 -14.76 -47.13 -10.79
N LEU A 246 -15.53 -48.13 -11.23
CA LEU A 246 -16.90 -47.89 -11.64
C LEU A 246 -17.86 -48.90 -11.03
N ARG A 247 -18.99 -48.41 -10.54
CA ARG A 247 -20.01 -49.28 -9.97
C ARG A 247 -21.33 -49.09 -10.71
N ALA A 248 -21.70 -50.07 -11.53
CA ALA A 248 -22.95 -50.03 -12.26
C ALA A 248 -23.97 -50.94 -11.59
N THR A 249 -25.19 -50.44 -11.40
CA THR A 249 -26.22 -51.22 -10.70
C THR A 249 -27.48 -51.41 -11.52
N LEU A 250 -28.33 -52.32 -11.07
CA LEU A 250 -29.61 -52.59 -11.72
C LEU A 250 -30.60 -53.08 -10.67
N ASP A 251 -31.80 -52.50 -10.67
CA ASP A 251 -32.85 -52.91 -9.75
C ASP A 251 -33.84 -53.85 -10.42
N VAL A 252 -33.77 -55.13 -10.07
CA VAL A 252 -34.66 -56.13 -10.64
C VAL A 252 -35.31 -56.98 -9.55
N SER A 261 -26.96 -60.21 -18.19
CA SER A 261 -25.52 -60.02 -18.07
C SER A 261 -25.14 -58.54 -17.97
N CYS A 262 -23.84 -58.27 -17.86
CA CYS A 262 -23.34 -56.91 -17.71
C CYS A 262 -22.18 -56.71 -18.70
N ARG A 263 -22.26 -55.65 -19.49
CA ARG A 263 -21.30 -55.44 -20.58
C ARG A 263 -20.36 -54.26 -20.34
N VAL A 264 -19.08 -54.48 -20.61
CA VAL A 264 -18.05 -53.46 -20.40
C VAL A 264 -17.14 -53.31 -21.61
N LYS A 265 -17.08 -52.10 -22.16
CA LYS A 265 -16.16 -51.82 -23.26
C LYS A 265 -15.14 -50.76 -22.85
N HIS A 266 -13.87 -51.03 -23.12
CA HIS A 266 -12.79 -50.11 -22.75
C HIS A 266 -11.70 -50.03 -23.83
N SER A 267 -10.91 -48.97 -23.81
CA SER A 267 -9.86 -48.75 -24.80
C SER A 267 -8.69 -49.73 -24.64
N SER A 268 -8.38 -50.09 -23.40
CA SER A 268 -7.30 -51.03 -23.12
C SER A 268 -7.57 -52.37 -23.80
N LEU A 269 -8.70 -52.98 -23.44
CA LEU A 269 -9.14 -54.21 -24.05
C LEU A 269 -9.81 -53.90 -25.38
N GLU A 270 -9.04 -54.00 -26.46
CA GLU A 270 -9.53 -53.66 -27.79
C GLU A 270 -10.60 -54.63 -28.26
N GLY A 271 -11.81 -54.13 -28.46
CA GLY A 271 -12.91 -54.94 -28.96
C GLY A 271 -13.47 -55.93 -27.96
N GLN A 272 -12.61 -56.42 -27.08
CA GLN A 272 -13.03 -57.37 -26.04
C GLN A 272 -13.99 -56.71 -25.06
N ASP A 273 -15.28 -56.99 -25.24
CA ASP A 273 -16.30 -56.46 -24.34
C ASP A 273 -16.45 -57.38 -23.12
N ILE A 274 -16.04 -56.89 -21.96
CA ILE A 274 -16.02 -57.68 -20.74
C ILE A 274 -17.42 -58.06 -20.26
N VAL A 275 -18.01 -59.06 -20.91
CA VAL A 275 -19.35 -59.52 -20.53
C VAL A 275 -19.30 -60.54 -19.40
N LEU A 276 -20.01 -60.24 -18.32
CA LEU A 276 -20.06 -61.11 -17.16
C LEU A 276 -21.47 -61.68 -16.98
N TYR A 277 -21.57 -62.99 -16.84
CA TYR A 277 -22.86 -63.65 -16.75
C TYR A 277 -23.32 -63.83 -15.30
N TRP A 278 -24.63 -63.75 -15.10
CA TRP A 278 -25.22 -63.93 -13.78
C TRP A 278 -26.08 -65.19 -13.78
N HIS A 279 -25.95 -66.02 -12.74
CA HIS A 279 -25.07 -65.75 -11.61
C HIS A 279 -23.69 -66.39 -11.76
N ILE B 1 -20.97 -22.63 3.72
CA ILE B 1 -22.02 -23.47 4.25
C ILE B 1 -23.05 -23.83 3.17
N GLN B 2 -22.59 -24.10 1.96
CA GLN B 2 -23.47 -24.43 0.83
C GLN B 2 -23.61 -25.93 0.59
N ARG B 3 -22.77 -26.45 -0.30
CA ARG B 3 -22.90 -27.82 -0.79
C ARG B 3 -22.32 -28.86 0.18
N THR B 4 -23.04 -29.97 0.34
CA THR B 4 -22.68 -31.01 1.31
C THR B 4 -21.92 -32.15 0.64
N PRO B 5 -20.99 -32.79 1.38
CA PRO B 5 -20.15 -33.88 0.86
C PRO B 5 -20.94 -35.07 0.35
N LYS B 6 -20.25 -35.98 -0.34
CA LYS B 6 -20.84 -37.23 -0.79
C LYS B 6 -19.81 -38.34 -0.64
N ILE B 7 -20.02 -39.24 0.32
CA ILE B 7 -18.99 -40.21 0.68
C ILE B 7 -19.21 -41.57 0.02
N GLN B 8 -18.16 -42.09 -0.63
CA GLN B 8 -18.24 -43.39 -1.27
C GLN B 8 -17.03 -44.25 -0.91
N VAL B 9 -17.27 -45.40 -0.31
CA VAL B 9 -16.19 -46.30 0.13
C VAL B 9 -16.13 -47.58 -0.70
N TYR B 10 -14.90 -47.99 -1.04
CA TYR B 10 -14.68 -49.10 -1.96
C TYR B 10 -13.23 -49.59 -1.91
N SER B 11 -12.98 -50.79 -2.44
CA SER B 11 -11.63 -51.35 -2.45
C SER B 11 -11.07 -51.49 -3.86
N ARG B 12 -9.74 -51.34 -3.97
CA ARG B 12 -9.02 -51.48 -5.24
C ARG B 12 -9.35 -52.79 -5.93
N HIS B 13 -9.06 -53.89 -5.24
CA HIS B 13 -9.27 -55.22 -5.75
C HIS B 13 -10.44 -55.84 -5.01
N PRO B 14 -11.04 -56.91 -5.56
CA PRO B 14 -12.10 -57.61 -4.82
C PRO B 14 -11.56 -58.12 -3.50
N ALA B 15 -12.19 -57.70 -2.41
CA ALA B 15 -11.69 -58.02 -1.07
C ALA B 15 -11.81 -59.51 -0.78
N GLU B 16 -10.69 -60.11 -0.40
CA GLU B 16 -10.66 -61.49 0.03
C GLU B 16 -10.03 -61.57 1.41
N ASN B 17 -10.67 -62.30 2.32
CA ASN B 17 -10.18 -62.39 3.70
C ASN B 17 -8.82 -63.07 3.79
N GLY B 18 -7.79 -62.29 4.04
CA GLY B 18 -6.45 -62.82 4.16
C GLY B 18 -5.51 -62.27 3.10
N LYS B 19 -6.09 -61.62 2.09
CA LYS B 19 -5.30 -61.00 1.04
C LYS B 19 -5.28 -59.49 1.20
N SER B 20 -4.10 -58.90 1.05
CA SER B 20 -3.93 -57.46 1.18
C SER B 20 -4.76 -56.70 0.16
N ASN B 21 -5.19 -55.51 0.54
CA ASN B 21 -6.01 -54.69 -0.35
C ASN B 21 -5.84 -53.22 0.01
N PHE B 22 -6.58 -52.36 -0.70
CA PHE B 22 -6.56 -50.94 -0.43
C PHE B 22 -7.96 -50.42 -0.14
N LEU B 23 -8.12 -49.74 0.99
CA LEU B 23 -9.39 -49.14 1.33
C LEU B 23 -9.43 -47.72 0.80
N ASN B 24 -10.50 -47.38 0.09
CA ASN B 24 -10.63 -46.07 -0.51
C ASN B 24 -11.85 -45.31 -0.01
N CYS B 25 -11.65 -44.06 0.40
CA CYS B 25 -12.75 -43.18 0.74
C CYS B 25 -12.69 -41.91 -0.10
N TYR B 26 -13.75 -41.67 -0.87
CA TYR B 26 -13.82 -40.54 -1.79
C TYR B 26 -14.94 -39.61 -1.38
N VAL B 27 -14.57 -38.36 -1.07
CA VAL B 27 -15.52 -37.35 -0.67
C VAL B 27 -15.57 -36.31 -1.77
N SER B 28 -16.75 -35.79 -2.08
CA SER B 28 -16.86 -34.87 -3.21
C SER B 28 -18.06 -33.93 -3.13
N GLY B 29 -18.03 -32.92 -4.00
CA GLY B 29 -19.13 -31.99 -4.15
C GLY B 29 -19.45 -31.15 -2.93
N PHE B 30 -18.46 -30.94 -2.07
CA PHE B 30 -18.68 -30.14 -0.88
C PHE B 30 -18.13 -28.72 -1.00
N HIS B 31 -18.69 -27.82 -0.21
CA HIS B 31 -18.25 -26.43 -0.20
C HIS B 31 -18.70 -25.77 1.11
N PRO B 32 -17.78 -25.07 1.79
CA PRO B 32 -16.40 -24.80 1.41
C PRO B 32 -15.46 -25.96 1.71
N SER B 33 -14.16 -25.72 1.62
CA SER B 33 -13.17 -26.80 1.57
C SER B 33 -12.73 -27.40 2.91
N ASP B 34 -12.96 -26.69 4.02
CA ASP B 34 -12.56 -27.24 5.31
C ASP B 34 -13.35 -28.52 5.60
N ILE B 35 -12.65 -29.63 5.78
CA ILE B 35 -13.31 -30.92 5.98
C ILE B 35 -12.43 -31.91 6.76
N GLU B 36 -13.07 -32.75 7.56
CA GLU B 36 -12.37 -33.75 8.36
C GLU B 36 -12.75 -35.17 7.92
N VAL B 37 -11.80 -35.90 7.35
CA VAL B 37 -12.06 -37.24 6.85
C VAL B 37 -11.12 -38.26 7.48
N ASP B 38 -11.68 -39.33 8.05
CA ASP B 38 -10.89 -40.36 8.72
C ASP B 38 -11.41 -41.76 8.42
N LEU B 39 -10.49 -42.69 8.21
CA LEU B 39 -10.85 -44.08 7.95
C LEU B 39 -10.92 -44.83 9.27
N LEU B 40 -12.08 -45.41 9.56
CA LEU B 40 -12.28 -46.13 10.82
C LEU B 40 -12.09 -47.65 10.66
N LYS B 41 -11.54 -48.25 11.71
CA LYS B 41 -11.45 -49.70 11.80
C LYS B 41 -12.01 -50.14 13.15
N ASN B 42 -13.16 -50.83 13.10
CA ASN B 42 -13.85 -51.29 14.31
C ASN B 42 -14.26 -50.14 15.21
N GLY B 43 -14.46 -48.97 14.62
CA GLY B 43 -14.88 -47.80 15.37
C GLY B 43 -13.75 -46.84 15.63
N GLU B 44 -12.53 -47.35 15.59
CA GLU B 44 -11.34 -46.53 15.83
C GLU B 44 -10.71 -46.08 14.50
N ARG B 45 -10.26 -44.83 14.46
CA ARG B 45 -9.71 -44.29 13.22
C ARG B 45 -8.30 -44.77 12.95
N ILE B 46 -8.02 -45.07 11.69
CA ILE B 46 -6.70 -45.54 11.28
C ILE B 46 -5.73 -44.36 11.21
N GLU B 47 -4.55 -44.54 11.82
CA GLU B 47 -3.60 -43.44 11.96
C GLU B 47 -2.66 -43.25 10.77
N LYS B 48 -2.18 -44.35 10.21
CA LYS B 48 -1.34 -44.31 9.01
C LYS B 48 -2.21 -44.31 7.75
N VAL B 49 -2.88 -43.19 7.48
CA VAL B 49 -3.72 -43.06 6.29
C VAL B 49 -3.26 -41.92 5.39
N GLU B 50 -2.93 -42.25 4.14
CA GLU B 50 -2.48 -41.25 3.19
C GLU B 50 -3.64 -40.73 2.34
N HIS B 51 -3.55 -39.47 1.95
CA HIS B 51 -4.61 -38.85 1.15
C HIS B 51 -4.02 -38.07 -0.03
N SER B 52 -4.88 -37.66 -0.95
CA SER B 52 -4.43 -36.92 -2.12
C SER B 52 -4.62 -35.41 -1.95
N ASP B 53 -4.08 -34.65 -2.89
CA ASP B 53 -4.18 -33.20 -2.84
C ASP B 53 -5.62 -32.73 -3.07
N LEU B 54 -6.11 -31.90 -2.17
CA LEU B 54 -7.43 -31.31 -2.30
C LEU B 54 -7.58 -30.66 -3.66
N SER B 55 -8.69 -30.96 -4.34
CA SER B 55 -8.91 -30.43 -5.68
C SER B 55 -10.40 -30.15 -5.87
N PHE B 56 -10.73 -29.33 -6.88
CA PHE B 56 -12.13 -29.08 -7.19
C PHE B 56 -12.47 -29.42 -8.65
N SER B 57 -13.75 -29.42 -8.96
CA SER B 57 -14.20 -29.76 -10.31
C SER B 57 -14.74 -28.54 -11.05
N LYS B 58 -15.43 -28.78 -12.17
CA LYS B 58 -15.90 -27.69 -13.03
C LYS B 58 -16.96 -26.82 -12.37
N ASP B 59 -17.64 -27.38 -11.37
CA ASP B 59 -18.71 -26.68 -10.68
C ASP B 59 -18.25 -26.06 -9.37
N TRP B 60 -16.94 -25.92 -9.20
CA TRP B 60 -16.34 -25.25 -8.03
C TRP B 60 -16.60 -25.93 -6.69
N SER B 61 -16.91 -27.22 -6.73
CA SER B 61 -17.04 -27.98 -5.49
C SER B 61 -15.84 -28.91 -5.34
N PHE B 62 -15.46 -29.18 -4.10
CA PHE B 62 -14.22 -29.90 -3.83
C PHE B 62 -14.40 -31.41 -3.67
N TYR B 63 -13.40 -32.16 -4.14
CA TYR B 63 -13.35 -33.60 -3.92
C TYR B 63 -11.99 -33.97 -3.30
N LEU B 64 -11.86 -35.22 -2.87
CA LEU B 64 -10.72 -35.65 -2.07
C LEU B 64 -10.67 -37.16 -1.99
N LEU B 65 -9.51 -37.71 -1.72
CA LEU B 65 -9.39 -39.16 -1.52
C LEU B 65 -8.51 -39.50 -0.34
N TYR B 66 -9.03 -40.30 0.58
CA TYR B 66 -8.21 -40.89 1.63
C TYR B 66 -8.11 -42.40 1.38
N TYR B 67 -6.92 -42.95 1.55
CA TYR B 67 -6.72 -44.37 1.35
C TYR B 67 -5.66 -44.97 2.28
N THR B 68 -5.69 -46.28 2.44
CA THR B 68 -4.70 -46.98 3.24
C THR B 68 -4.61 -48.44 2.88
N GLU B 69 -3.45 -49.03 3.16
CA GLU B 69 -3.21 -50.44 2.94
C GLU B 69 -3.88 -51.23 4.03
N PHE B 70 -4.62 -52.27 3.66
CA PHE B 70 -5.34 -53.06 4.63
C PHE B 70 -5.59 -54.48 4.17
N THR B 71 -5.68 -55.40 5.14
CA THR B 71 -6.01 -56.79 4.87
C THR B 71 -7.35 -57.13 5.49
N PRO B 72 -8.41 -57.19 4.66
CA PRO B 72 -9.76 -57.44 5.17
C PRO B 72 -9.87 -58.82 5.81
N THR B 73 -10.61 -58.90 6.92
CA THR B 73 -10.90 -60.18 7.54
C THR B 73 -12.39 -60.28 7.80
N GLU B 74 -12.82 -61.44 8.30
CA GLU B 74 -14.25 -61.70 8.45
C GLU B 74 -14.87 -60.92 9.61
N LYS B 75 -14.08 -60.66 10.64
CA LYS B 75 -14.60 -59.99 11.83
C LYS B 75 -14.36 -58.48 11.80
N ASP B 76 -13.36 -58.05 11.06
CA ASP B 76 -13.01 -56.64 11.00
C ASP B 76 -14.00 -55.79 10.22
N GLU B 77 -14.50 -54.75 10.87
CA GLU B 77 -15.42 -53.81 10.25
C GLU B 77 -14.70 -52.49 9.95
N TYR B 78 -15.01 -51.90 8.81
CA TYR B 78 -14.39 -50.63 8.41
C TYR B 78 -15.44 -49.57 8.10
N ALA B 79 -15.05 -48.31 8.20
CA ALA B 79 -15.95 -47.20 7.88
C ALA B 79 -15.18 -45.94 7.54
N CYS B 80 -15.89 -44.93 7.04
CA CYS B 80 -15.27 -43.64 6.73
C CYS B 80 -16.10 -42.48 7.28
N ARG B 81 -15.53 -41.78 8.26
CA ARG B 81 -16.23 -40.71 8.97
C ARG B 81 -15.86 -39.35 8.39
N VAL B 82 -16.86 -38.50 8.18
CA VAL B 82 -16.65 -37.18 7.59
C VAL B 82 -17.30 -36.07 8.40
N ASN B 83 -16.58 -34.96 8.58
CA ASN B 83 -17.12 -33.78 9.24
C ASN B 83 -17.08 -32.54 8.33
N HIS B 84 -18.24 -31.92 8.13
CA HIS B 84 -18.36 -30.71 7.33
C HIS B 84 -19.25 -29.69 8.04
N VAL B 85 -19.23 -28.45 7.57
CA VAL B 85 -20.05 -27.39 8.16
C VAL B 85 -21.52 -27.59 7.83
N THR B 86 -21.79 -28.33 6.76
CA THR B 86 -23.15 -28.60 6.34
C THR B 86 -23.79 -29.72 7.14
N LEU B 87 -23.03 -30.30 8.07
CA LEU B 87 -23.54 -31.43 8.86
C LEU B 87 -23.67 -31.05 10.33
N SER B 88 -24.76 -31.50 10.95
CA SER B 88 -24.97 -31.27 12.39
C SER B 88 -24.01 -32.13 13.20
N GLN B 89 -23.84 -33.38 12.77
CA GLN B 89 -22.93 -34.31 13.42
C GLN B 89 -22.18 -35.15 12.38
N PRO B 90 -20.97 -35.61 12.71
CA PRO B 90 -20.13 -36.35 11.75
C PRO B 90 -20.81 -37.59 11.18
N LYS B 91 -21.12 -37.56 9.88
CA LYS B 91 -21.73 -38.70 9.20
C LYS B 91 -20.71 -39.81 8.92
N ILE B 92 -21.14 -41.06 9.03
CA ILE B 92 -20.25 -42.20 8.83
C ILE B 92 -20.85 -43.21 7.85
N VAL B 93 -20.10 -43.54 6.80
CA VAL B 93 -20.48 -44.58 5.86
C VAL B 93 -19.64 -45.81 6.13
N LYS B 94 -20.26 -46.98 6.20
CA LYS B 94 -19.54 -48.24 6.38
C LYS B 94 -19.20 -48.88 5.03
N TRP B 95 -18.17 -49.73 5.02
CA TRP B 95 -17.75 -50.40 3.80
C TRP B 95 -18.35 -51.79 3.68
N ASP B 96 -19.27 -51.96 2.72
CA ASP B 96 -20.00 -53.21 2.53
C ASP B 96 -19.14 -54.31 1.91
N ARG B 97 -19.05 -55.44 2.60
CA ARG B 97 -18.32 -56.60 2.11
C ARG B 97 -19.27 -57.58 1.41
N ASN C 3 10.90 -0.14 9.43
CA ASN C 3 11.19 0.78 8.33
C ASN C 3 11.82 0.08 7.13
N GLN C 4 11.11 0.06 6.01
CA GLN C 4 11.59 -0.61 4.81
C GLN C 4 12.29 0.33 3.85
N VAL C 5 11.95 1.62 3.92
CA VAL C 5 12.58 2.63 3.07
C VAL C 5 13.56 3.51 3.85
N GLU C 6 14.85 3.14 3.81
CA GLU C 6 15.89 3.94 4.39
C GLU C 6 16.20 5.08 3.43
N GLN C 7 16.89 6.11 3.92
CA GLN C 7 17.14 7.30 3.12
C GLN C 7 18.26 8.14 3.75
N SER C 8 19.38 8.24 3.05
CA SER C 8 20.54 8.96 3.58
C SER C 8 20.92 10.07 2.60
N PRO C 9 21.55 11.15 3.10
CA PRO C 9 21.91 11.41 4.50
C PRO C 9 20.73 11.98 5.26
N GLN C 10 20.78 11.94 6.59
CA GLN C 10 19.69 12.46 7.42
C GLN C 10 19.44 13.93 7.14
N SER C 11 20.45 14.75 7.39
CA SER C 11 20.40 16.16 7.02
C SER C 11 21.77 16.57 6.49
N LEU C 12 21.79 17.62 5.69
CA LEU C 12 23.04 18.15 5.19
C LEU C 12 22.94 19.64 4.88
N ILE C 13 24.08 20.31 4.86
CA ILE C 13 24.15 21.73 4.60
C ILE C 13 25.17 21.99 3.50
N ILE C 14 24.72 22.53 2.37
CA ILE C 14 25.63 22.83 1.27
C ILE C 14 25.59 24.30 0.87
N LEU C 15 26.61 24.74 0.14
CA LEU C 15 26.64 26.11 -0.36
C LEU C 15 25.94 26.16 -1.72
N GLU C 16 25.43 27.34 -2.08
CA GLU C 16 24.74 27.53 -3.35
C GLU C 16 25.68 27.36 -4.53
N GLY C 17 25.14 26.95 -5.67
CA GLY C 17 25.91 26.80 -6.88
C GLY C 17 26.44 25.40 -7.10
N LYS C 18 26.55 24.65 -6.01
CA LYS C 18 27.09 23.30 -6.07
C LYS C 18 25.96 22.27 -6.26
N ASN C 19 26.27 21.13 -6.84
CA ASN C 19 25.29 20.04 -6.91
C ASN C 19 25.59 18.88 -5.97
N CYS C 20 24.54 18.38 -5.33
CA CYS C 20 24.68 17.26 -4.40
C CYS C 20 23.87 16.07 -4.88
N THR C 21 24.01 14.95 -4.18
CA THR C 21 23.28 13.72 -4.52
C THR C 21 22.68 13.05 -3.28
N LEU C 22 21.36 13.02 -3.22
CA LEU C 22 20.66 12.40 -2.10
C LEU C 22 20.30 10.95 -2.42
N GLN C 23 20.39 10.08 -1.42
CA GLN C 23 20.17 8.66 -1.63
C GLN C 23 18.87 8.12 -1.03
N CYS C 24 18.45 6.94 -1.48
CA CYS C 24 17.22 6.30 -1.02
C CYS C 24 17.22 4.79 -1.24
N ASN C 25 17.49 4.02 -0.19
CA ASN C 25 17.54 2.56 -0.28
C ASN C 25 16.28 1.91 0.30
N TYR C 26 15.59 1.12 -0.52
CA TYR C 26 14.36 0.46 -0.10
C TYR C 26 14.50 -1.07 -0.07
N THR C 27 13.79 -1.72 0.85
CA THR C 27 13.76 -3.18 0.88
C THR C 27 12.34 -3.68 0.61
N VAL C 28 11.53 -2.79 0.04
CA VAL C 28 10.15 -3.09 -0.30
C VAL C 28 10.05 -4.04 -1.49
N SER C 29 9.25 -5.09 -1.36
CA SER C 29 9.00 -6.01 -2.48
C SER C 29 7.60 -6.62 -2.41
N PRO C 30 6.91 -6.71 -3.56
CA PRO C 30 7.43 -6.38 -4.89
C PRO C 30 7.43 -4.86 -5.18
N PHE C 31 8.30 -4.47 -6.10
CA PHE C 31 8.45 -3.06 -6.45
C PHE C 31 7.75 -2.73 -7.76
N SER C 32 6.90 -1.70 -7.72
CA SER C 32 6.26 -1.20 -8.94
C SER C 32 6.81 0.16 -9.35
N ASN C 33 6.50 1.19 -8.57
CA ASN C 33 7.00 2.53 -8.85
C ASN C 33 7.66 3.18 -7.64
N LEU C 34 8.33 4.31 -7.88
CA LEU C 34 9.03 5.04 -6.82
C LEU C 34 8.96 6.53 -7.13
N ARG C 35 8.64 7.33 -6.12
CA ARG C 35 8.53 8.77 -6.30
C ARG C 35 9.56 9.52 -5.47
N TRP C 36 9.69 10.80 -5.77
CA TRP C 36 10.50 11.72 -4.98
C TRP C 36 9.64 12.94 -4.76
N TYR C 37 9.52 13.40 -3.52
CA TYR C 37 8.76 14.61 -3.23
C TYR C 37 9.65 15.70 -2.67
N LYS C 38 9.28 16.96 -2.92
CA LYS C 38 9.98 18.11 -2.36
C LYS C 38 9.03 18.88 -1.45
N GLN C 39 9.39 18.99 -0.18
CA GLN C 39 8.52 19.59 0.81
C GLN C 39 9.13 20.83 1.48
N ASP C 40 8.65 22.00 1.09
CA ASP C 40 9.07 23.24 1.74
C ASP C 40 8.55 23.28 3.17
N THR C 41 9.27 23.96 4.05
CA THR C 41 8.85 24.08 5.45
C THR C 41 7.55 24.86 5.54
N GLY C 42 6.46 24.15 5.83
CA GLY C 42 5.16 24.78 6.00
C GLY C 42 4.17 24.41 4.92
N ARG C 43 4.67 23.82 3.85
CA ARG C 43 3.83 23.43 2.71
C ARG C 43 3.72 21.90 2.60
N GLY C 44 3.06 21.44 1.54
CA GLY C 44 2.90 20.01 1.32
C GLY C 44 3.81 19.47 0.22
N PRO C 45 4.00 18.15 0.19
CA PRO C 45 4.86 17.48 -0.80
C PRO C 45 4.44 17.74 -2.25
N VAL C 46 5.41 18.09 -3.10
CA VAL C 46 5.17 18.31 -4.52
C VAL C 46 6.01 17.34 -5.34
N SER C 47 5.34 16.42 -6.05
CA SER C 47 6.02 15.32 -6.73
C SER C 47 7.01 15.80 -7.78
N LEU C 48 8.29 15.57 -7.51
CA LEU C 48 9.34 15.89 -8.47
C LEU C 48 9.26 14.91 -9.65
N THR C 49 9.49 13.63 -9.38
CA THR C 49 9.43 12.60 -10.41
C THR C 49 8.76 11.33 -9.93
N ILE C 50 8.66 10.36 -10.83
CA ILE C 50 8.12 9.05 -10.51
C ILE C 50 8.58 8.05 -11.56
N MET C 51 9.16 6.94 -11.10
CA MET C 51 9.77 5.97 -12.01
C MET C 51 9.37 4.54 -11.71
N THR C 52 9.46 3.68 -12.72
CA THR C 52 9.29 2.23 -12.54
C THR C 52 10.61 1.54 -12.83
N PHE C 53 10.69 0.26 -12.50
CA PHE C 53 11.95 -0.49 -12.56
C PHE C 53 12.63 -0.52 -13.94
N SER C 54 11.84 -0.39 -14.99
CA SER C 54 12.38 -0.41 -16.36
C SER C 54 13.20 0.84 -16.64
N GLU C 55 12.85 1.94 -15.98
CA GLU C 55 13.54 3.21 -16.14
C GLU C 55 14.64 3.37 -15.10
N ASN C 56 15.49 4.37 -15.30
CA ASN C 56 16.57 4.66 -14.36
C ASN C 56 17.12 6.07 -14.45
N THR C 57 16.36 6.97 -15.08
CA THR C 57 16.72 8.38 -15.19
C THR C 57 15.56 9.24 -15.71
N LYS C 58 15.11 10.17 -14.87
CA LYS C 58 14.08 11.13 -15.26
C LYS C 58 14.49 12.53 -14.82
N SER C 59 14.09 13.53 -15.59
CA SER C 59 14.51 14.90 -15.32
C SER C 59 13.34 15.88 -15.15
N ASN C 60 13.39 16.65 -14.06
CA ASN C 60 12.45 17.76 -13.86
C ASN C 60 13.20 19.09 -13.92
N GLY C 61 13.81 19.35 -15.07
CA GLY C 61 14.62 20.54 -15.22
C GLY C 61 15.94 20.39 -14.51
N ARG C 62 16.01 20.92 -13.29
CA ARG C 62 17.25 20.88 -12.50
C ARG C 62 17.27 19.69 -11.55
N TYR C 63 16.31 18.79 -11.69
CA TYR C 63 16.21 17.63 -10.83
C TYR C 63 16.32 16.37 -11.66
N THR C 64 17.17 15.43 -11.25
CA THR C 64 17.36 14.22 -12.03
C THR C 64 17.54 13.00 -11.15
N ALA C 65 16.45 12.31 -10.90
CA ALA C 65 16.50 11.08 -10.12
C ALA C 65 16.90 9.92 -11.03
N THR C 66 17.64 8.97 -10.46
CA THR C 66 18.02 7.75 -11.16
C THR C 66 17.39 6.58 -10.43
N LEU C 67 17.33 5.42 -11.08
CA LEU C 67 16.75 4.24 -10.44
C LEU C 67 17.56 2.98 -10.66
N ASP C 68 18.49 2.71 -9.75
CA ASP C 68 19.17 1.42 -9.71
C ASP C 68 18.18 0.37 -9.22
N ALA C 69 17.54 -0.31 -10.17
CA ALA C 69 16.47 -1.24 -9.86
C ALA C 69 17.02 -2.59 -9.38
N ASP C 70 18.28 -2.86 -9.69
CA ASP C 70 18.89 -4.14 -9.34
C ASP C 70 19.44 -4.16 -7.91
N THR C 71 20.07 -3.07 -7.49
CA THR C 71 20.60 -2.98 -6.13
C THR C 71 19.61 -2.28 -5.21
N LYS C 72 18.39 -2.09 -5.71
CA LYS C 72 17.30 -1.47 -4.96
C LYS C 72 17.62 -0.13 -4.29
N GLN C 73 18.17 0.79 -5.06
CA GLN C 73 18.37 2.14 -4.57
C GLN C 73 18.06 3.14 -5.68
N SER C 74 17.98 4.41 -5.30
CA SER C 74 17.67 5.48 -6.22
C SER C 74 18.13 6.78 -5.62
N SER C 75 18.72 7.63 -6.45
CA SER C 75 19.30 8.88 -5.97
C SER C 75 18.84 10.09 -6.77
N LEU C 76 18.57 11.19 -6.06
CA LEU C 76 18.13 12.44 -6.68
C LEU C 76 19.30 13.42 -6.78
N HIS C 77 19.57 13.88 -7.99
CA HIS C 77 20.70 14.75 -8.24
C HIS C 77 20.27 16.18 -8.51
N ILE C 78 20.28 16.99 -7.45
CA ILE C 78 19.91 18.40 -7.54
C ILE C 78 21.03 19.20 -8.21
N THR C 79 20.76 19.67 -9.42
CA THR C 79 21.76 20.37 -10.23
C THR C 79 21.78 21.88 -10.01
N ALA C 80 22.97 22.44 -9.78
CA ALA C 80 23.16 23.88 -9.63
C ALA C 80 22.33 24.46 -8.49
N SER C 81 22.42 23.84 -7.32
CA SER C 81 21.55 24.14 -6.18
C SER C 81 21.55 25.61 -5.79
N GLN C 82 20.38 26.23 -5.90
CA GLN C 82 20.18 27.60 -5.46
C GLN C 82 19.53 27.61 -4.09
N LEU C 83 19.30 28.81 -3.55
CA LEU C 83 18.72 28.94 -2.22
C LEU C 83 17.31 28.37 -2.13
N SER C 84 16.59 28.36 -3.24
CA SER C 84 15.21 27.93 -3.27
C SER C 84 15.05 26.42 -3.06
N ASP C 85 16.16 25.71 -3.06
CA ASP C 85 16.09 24.25 -2.96
C ASP C 85 16.12 23.76 -1.52
N SER C 86 16.40 24.67 -0.57
CA SER C 86 16.33 24.32 0.84
C SER C 86 14.94 23.80 1.21
N ALA C 87 14.85 22.49 1.39
CA ALA C 87 13.59 21.86 1.73
C ALA C 87 13.83 20.47 2.28
N SER C 88 12.76 19.70 2.42
CA SER C 88 12.88 18.28 2.76
C SER C 88 12.70 17.48 1.48
N TYR C 89 13.42 16.37 1.35
CA TYR C 89 13.29 15.56 0.15
C TYR C 89 12.87 14.13 0.45
N ILE C 90 11.59 13.85 0.18
CA ILE C 90 10.97 12.60 0.61
C ILE C 90 10.85 11.56 -0.51
N CYS C 91 11.26 10.34 -0.20
CA CYS C 91 11.31 9.27 -1.20
C CYS C 91 10.36 8.15 -0.80
N VAL C 92 9.27 8.02 -1.56
CA VAL C 92 8.27 7.00 -1.26
C VAL C 92 8.12 5.96 -2.37
N VAL C 93 8.02 4.70 -1.95
CA VAL C 93 7.93 3.57 -2.87
C VAL C 93 6.58 2.87 -2.72
N SER C 94 5.86 2.71 -3.82
CA SER C 94 4.64 1.90 -3.81
C SER C 94 4.96 0.46 -4.15
N ASP C 95 4.08 -0.47 -3.76
CA ASP C 95 4.33 -1.89 -3.97
C ASP C 95 3.28 -2.55 -4.87
N ARG C 96 2.49 -1.73 -5.56
CA ARG C 96 1.51 -2.21 -6.51
C ARG C 96 1.43 -1.28 -7.71
N GLY C 97 0.69 -1.69 -8.73
CA GLY C 97 0.50 -0.87 -9.92
C GLY C 97 -0.89 -0.27 -9.95
N SER C 98 -1.67 -0.53 -8.90
CA SER C 98 -3.01 0.04 -8.76
C SER C 98 -3.07 0.88 -7.50
N THR C 99 -4.28 1.21 -7.07
CA THR C 99 -4.47 1.96 -5.84
C THR C 99 -4.78 1.00 -4.69
N LEU C 100 -4.42 -0.26 -4.90
CA LEU C 100 -4.67 -1.31 -3.92
C LEU C 100 -3.42 -1.59 -3.11
N GLY C 101 -2.39 -0.77 -3.30
CA GLY C 101 -1.12 -1.00 -2.65
C GLY C 101 -0.88 -0.19 -1.40
N ARG C 102 0.23 -0.50 -0.72
CA ARG C 102 0.67 0.32 0.39
C ARG C 102 1.69 1.31 -0.13
N LEU C 103 1.85 2.42 0.59
CA LEU C 103 2.88 3.39 0.24
C LEU C 103 3.89 3.41 1.37
N TYR C 104 5.17 3.38 1.02
CA TYR C 104 6.22 3.38 2.03
C TYR C 104 7.04 4.66 1.95
N PHE C 105 6.92 5.50 2.97
CA PHE C 105 7.58 6.79 3.01
C PHE C 105 8.86 6.72 3.81
N GLY C 106 9.95 7.22 3.24
CA GLY C 106 11.18 7.38 3.98
C GLY C 106 11.06 8.61 4.85
N ARG C 107 11.89 8.72 5.88
CA ARG C 107 11.85 9.86 6.80
C ARG C 107 12.30 11.15 6.12
N GLY C 108 12.92 11.03 4.96
CA GLY C 108 13.35 12.18 4.19
C GLY C 108 14.76 12.65 4.50
N THR C 109 15.26 13.52 3.63
CA THR C 109 16.57 14.13 3.78
C THR C 109 16.40 15.64 3.90
N GLN C 110 16.92 16.22 4.98
CA GLN C 110 16.83 17.66 5.19
C GLN C 110 17.97 18.38 4.50
N LEU C 111 17.64 19.26 3.56
CA LEU C 111 18.64 19.98 2.80
C LEU C 111 18.65 21.47 3.11
N THR C 112 19.83 21.98 3.46
CA THR C 112 19.98 23.40 3.70
C THR C 112 20.95 23.99 2.68
N VAL C 113 20.60 25.12 2.09
CA VAL C 113 21.46 25.74 1.10
C VAL C 113 21.89 27.12 1.58
N TRP C 114 23.20 27.31 1.71
CA TRP C 114 23.75 28.56 2.21
C TRP C 114 24.39 29.38 1.10
N PRO C 115 24.55 30.69 1.33
CA PRO C 115 25.17 31.54 0.31
C PRO C 115 26.71 31.48 0.36
N ASP C 116 27.32 31.49 -0.81
CA ASP C 116 28.77 31.53 -0.93
C ASP C 116 29.25 32.97 -0.85
N ILE C 117 29.60 33.41 0.36
CA ILE C 117 29.96 34.80 0.60
C ILE C 117 31.47 35.05 0.45
N ASN C 119 32.67 38.31 -0.71
CA ASN C 119 32.96 39.65 -0.20
C ASN C 119 32.27 39.93 1.14
N PRO C 120 32.81 39.37 2.24
CA PRO C 120 32.21 39.53 3.56
C PRO C 120 32.69 40.77 4.32
N ASP C 121 31.73 41.58 4.77
CA ASP C 121 32.04 42.74 5.60
C ASP C 121 31.16 42.74 6.86
N PRO C 122 31.48 41.84 7.81
CA PRO C 122 30.69 41.69 9.04
C PRO C 122 30.64 42.95 9.88
N ALA C 123 29.44 43.37 10.27
CA ALA C 123 29.28 44.57 11.09
C ALA C 123 28.00 44.51 11.93
N VAL C 124 28.05 45.11 13.11
CA VAL C 124 26.88 45.17 13.98
C VAL C 124 26.38 46.60 14.13
N TYR C 125 25.31 46.92 13.42
CA TYR C 125 24.73 48.25 13.46
C TYR C 125 23.64 48.36 14.53
N GLN C 126 23.10 49.56 14.70
CA GLN C 126 22.02 49.79 15.66
C GLN C 126 20.93 50.60 14.98
N LEU C 127 19.69 50.15 15.13
CA LEU C 127 18.57 50.77 14.42
C LEU C 127 17.54 51.42 15.35
N ARG C 128 17.03 52.57 14.94
CA ARG C 128 16.07 53.32 15.74
C ARG C 128 14.63 52.88 15.49
N ASP C 129 13.77 53.10 16.47
CA ASP C 129 12.40 52.60 16.43
C ASP C 129 11.51 53.37 15.46
N SER C 130 10.20 53.17 15.61
CA SER C 130 9.22 53.90 14.81
C SER C 130 8.36 54.80 15.68
N SER C 136 14.87 49.53 21.29
CA SER C 136 15.71 49.58 20.10
C SER C 136 15.89 48.21 19.45
N VAL C 137 16.79 48.14 18.48
CA VAL C 137 17.06 46.92 17.74
C VAL C 137 18.49 46.91 17.16
N CYS C 138 19.14 45.75 17.23
CA CYS C 138 20.50 45.59 16.69
C CYS C 138 20.46 44.89 15.33
N LEU C 139 21.64 44.51 14.83
CA LEU C 139 21.72 43.88 13.51
C LEU C 139 23.09 43.28 13.22
N PHE C 140 23.18 41.95 13.29
CA PHE C 140 24.36 41.25 12.82
C PHE C 140 24.16 41.03 11.32
N THR C 141 25.16 41.35 10.51
CA THR C 141 25.00 41.25 9.07
C THR C 141 26.30 41.16 8.28
N ASP C 142 26.16 40.71 7.03
CA ASP C 142 27.25 40.69 6.04
C ASP C 142 28.42 39.78 6.43
N PHE C 143 28.11 38.62 7.00
CA PHE C 143 29.13 37.63 7.29
C PHE C 143 29.02 36.44 6.35
N ASP C 144 29.92 35.47 6.49
CA ASP C 144 29.89 34.29 5.63
C ASP C 144 29.19 33.13 6.32
N SER C 145 28.97 32.06 5.55
CA SER C 145 28.20 30.90 6.00
C SER C 145 28.75 30.26 7.27
N GLN C 146 30.07 30.29 7.41
CA GLN C 146 30.73 29.61 8.53
C GLN C 146 30.38 30.24 9.88
N THR C 147 29.98 31.52 9.87
CA THR C 147 29.58 32.21 11.09
C THR C 147 28.22 31.73 11.57
N ASN C 148 28.14 31.34 12.84
CA ASN C 148 26.87 30.89 13.41
C ASN C 148 26.47 31.67 14.65
N VAL C 149 25.16 31.87 14.81
CA VAL C 149 24.63 32.64 15.92
C VAL C 149 24.03 31.72 16.97
N SER C 150 24.39 31.95 18.23
CA SER C 150 23.83 31.18 19.34
C SER C 150 22.56 31.86 19.85
N GLN C 151 21.84 31.19 20.74
CA GLN C 151 20.61 31.73 21.30
C GLN C 151 20.89 32.49 22.60
N SER C 152 19.86 32.63 23.42
CA SER C 152 19.97 33.39 24.66
C SER C 152 20.70 32.60 25.75
N LYS C 153 20.94 33.26 26.88
CA LYS C 153 21.59 32.63 28.01
C LYS C 153 20.53 32.10 28.97
N SER C 155 17.50 34.73 29.26
CA SER C 155 16.33 35.17 30.02
C SER C 155 15.49 36.17 29.21
N ASP C 156 15.74 37.45 29.42
CA ASP C 156 15.01 38.50 28.72
C ASP C 156 15.71 38.90 27.43
N VAL C 157 16.70 38.11 27.03
CA VAL C 157 17.46 38.38 25.82
C VAL C 157 16.95 37.52 24.65
N TYR C 158 16.73 38.15 23.51
CA TYR C 158 16.22 37.44 22.34
C TYR C 158 17.10 37.65 21.11
N ILE C 159 17.54 36.55 20.51
CA ILE C 159 18.41 36.59 19.34
C ILE C 159 17.94 35.60 18.28
N THR C 160 17.87 36.04 17.03
CA THR C 160 17.37 35.21 15.95
C THR C 160 18.49 34.40 15.27
N ASP C 161 18.12 33.48 14.38
CA ASP C 161 19.09 32.68 13.64
C ASP C 161 19.61 33.40 12.40
N LYS C 162 20.48 32.73 11.65
CA LYS C 162 20.96 33.27 10.39
C LYS C 162 19.82 33.26 9.39
N CYS C 163 19.80 34.25 8.51
CA CYS C 163 18.75 34.37 7.50
C CYS C 163 19.36 34.98 6.24
N VAL C 164 18.95 34.48 5.08
CA VAL C 164 19.56 34.91 3.83
C VAL C 164 18.63 35.73 2.94
N LEU C 165 19.07 36.92 2.54
CA LEU C 165 18.30 37.77 1.64
C LEU C 165 19.05 37.99 0.33
N ASP C 166 18.31 38.04 -0.78
CA ASP C 166 18.92 38.25 -2.08
C ASP C 166 18.34 39.47 -2.79
N MET C 167 19.18 40.48 -2.98
CA MET C 167 18.81 41.63 -3.77
C MET C 167 19.09 41.34 -5.23
N ARG C 168 18.19 40.58 -5.87
CA ARG C 168 18.37 40.18 -7.26
C ARG C 168 18.58 41.38 -8.18
N SER C 169 18.12 42.54 -7.71
CA SER C 169 18.39 43.81 -8.37
C SER C 169 19.88 43.99 -8.60
N MET C 170 20.60 44.25 -7.52
CA MET C 170 22.03 44.49 -7.60
C MET C 170 22.84 43.20 -7.56
N ASP C 171 22.15 42.07 -7.75
CA ASP C 171 22.78 40.75 -7.76
C ASP C 171 23.62 40.52 -6.51
N PHE C 172 23.01 40.70 -5.34
CA PHE C 172 23.73 40.63 -4.08
C PHE C 172 22.98 39.78 -3.05
N LYS C 173 23.74 38.99 -2.30
CA LYS C 173 23.17 38.11 -1.28
C LYS C 173 23.91 38.29 0.04
N SER C 174 23.17 38.37 1.14
CA SER C 174 23.78 38.56 2.46
C SER C 174 23.04 37.83 3.57
N ASN C 175 23.76 37.47 4.62
CA ASN C 175 23.14 36.90 5.81
C ASN C 175 22.71 38.01 6.77
N SER C 176 22.00 37.64 7.83
CA SER C 176 21.54 38.62 8.82
C SER C 176 21.09 37.94 10.11
N ALA C 177 21.05 38.71 11.20
CA ALA C 177 20.60 38.20 12.49
C ALA C 177 20.26 39.34 13.44
N VAL C 178 18.98 39.72 13.50
CA VAL C 178 18.53 40.80 14.35
C VAL C 178 18.45 40.37 15.82
N ALA C 179 18.91 41.24 16.71
CA ALA C 179 18.80 40.98 18.15
C ALA C 179 18.22 42.18 18.87
N TRP C 180 17.46 41.92 19.94
CA TRP C 180 16.84 42.99 20.70
C TRP C 180 16.69 42.61 22.16
N SER C 181 16.35 43.59 23.00
CA SER C 181 16.08 43.35 24.41
C SER C 181 15.35 44.53 25.05
N ASP C 185 19.22 49.15 28.56
CA ASP C 185 20.63 49.01 28.94
C ASP C 185 21.37 48.05 28.00
N PHE C 186 20.61 47.29 27.23
CA PHE C 186 21.18 46.32 26.31
C PHE C 186 21.99 46.99 25.21
N ALA C 187 23.30 46.73 25.19
CA ALA C 187 24.19 47.32 24.21
C ALA C 187 24.51 46.35 23.07
N CYS C 188 24.61 46.89 21.87
CA CYS C 188 24.84 46.08 20.66
C CYS C 188 26.24 45.51 20.60
N ALA C 189 27.12 45.97 21.48
CA ALA C 189 28.49 45.50 21.51
C ALA C 189 28.66 44.33 22.49
N ASN C 190 27.55 43.86 23.03
CA ASN C 190 27.56 42.75 23.98
C ASN C 190 26.43 41.76 23.69
N ALA C 191 25.62 42.07 22.69
CA ALA C 191 24.44 41.27 22.37
C ALA C 191 24.79 39.87 21.91
N PHE C 192 25.75 39.76 21.00
CA PHE C 192 26.17 38.47 20.47
C PHE C 192 27.42 37.96 21.20
N ASN C 193 27.32 37.85 22.51
CA ASN C 193 28.44 37.36 23.32
C ASN C 193 28.40 35.84 23.45
N ASN C 194 27.19 35.29 23.40
CA ASN C 194 27.02 33.84 23.42
C ASN C 194 27.31 33.25 22.04
N SER C 195 27.30 34.10 21.02
CA SER C 195 27.57 33.68 19.65
C SER C 195 28.99 34.04 19.25
N ILE C 196 29.62 33.19 18.44
CA ILE C 196 30.98 33.45 17.97
C ILE C 196 31.00 34.61 16.98
N ILE C 197 32.07 35.40 17.00
CA ILE C 197 32.18 36.53 16.11
C ILE C 197 33.62 36.71 15.61
N PRO C 198 33.77 37.14 14.36
CA PRO C 198 35.10 37.40 13.80
C PRO C 198 35.75 38.60 14.46
N GLU C 199 37.08 38.64 14.48
CA GLU C 199 37.81 39.75 15.09
C GLU C 199 37.83 40.97 14.17
N ASP C 200 37.36 40.78 12.94
CA ASP C 200 37.29 41.85 11.97
C ASP C 200 35.87 42.39 11.88
N THR C 201 35.29 42.76 13.02
CA THR C 201 33.91 43.23 13.09
C THR C 201 33.86 44.75 13.30
N PHE C 202 32.81 45.39 12.78
CA PHE C 202 32.62 46.82 12.96
C PHE C 202 31.62 47.17 14.05
N PHE C 203 31.94 48.19 14.83
CA PHE C 203 31.03 48.70 15.85
C PHE C 203 31.03 50.23 15.84
N PRO C 204 29.83 50.83 15.69
CA PRO C 204 29.65 52.28 15.62
C PRO C 204 29.56 52.94 17.00
N SER C 205 29.09 54.18 17.03
CA SER C 205 28.94 54.91 18.29
C SER C 205 27.48 55.28 18.54
N ASP D 4 -5.76 19.89 -7.67
CA ASP D 4 -7.17 20.24 -7.53
C ASP D 4 -7.69 19.91 -6.13
N ILE D 5 -6.77 19.66 -5.20
CA ILE D 5 -7.15 19.32 -3.84
C ILE D 5 -6.96 20.50 -2.88
N TYR D 6 -8.06 20.97 -2.31
CA TYR D 6 -8.02 22.15 -1.45
C TYR D 6 -8.15 21.79 0.03
N GLN D 7 -7.64 22.65 0.90
CA GLN D 7 -7.79 22.48 2.34
C GLN D 7 -8.03 23.82 3.03
N THR D 8 -9.16 23.93 3.72
CA THR D 8 -9.50 25.14 4.45
C THR D 8 -9.85 24.81 5.90
N PRO D 9 -9.41 25.66 6.84
CA PRO D 9 -8.52 26.79 6.54
C PRO D 9 -7.06 26.36 6.58
N ARG D 10 -6.17 27.23 6.17
CA ARG D 10 -4.74 26.92 6.20
C ARG D 10 -4.24 26.93 7.63
N TYR D 11 -4.87 27.77 8.46
CA TYR D 11 -4.55 27.85 9.88
C TYR D 11 -5.83 27.68 10.67
N LEU D 12 -5.70 27.20 11.91
CA LEU D 12 -6.86 27.00 12.76
C LEU D 12 -6.51 26.87 14.23
N VAL D 13 -6.76 27.92 14.99
CA VAL D 13 -6.56 27.89 16.44
C VAL D 13 -7.88 27.59 17.12
N ILE D 14 -7.86 26.68 18.08
CA ILE D 14 -9.07 26.30 18.81
C ILE D 14 -8.75 26.08 20.27
N GLY D 15 -9.79 26.02 21.11
CA GLY D 15 -9.61 25.70 22.51
C GLY D 15 -9.73 24.21 22.74
N THR D 16 -9.26 23.75 23.89
CA THR D 16 -9.33 22.34 24.25
C THR D 16 -10.77 21.91 24.51
N GLY D 17 -10.99 20.60 24.64
CA GLY D 17 -12.32 20.08 24.93
C GLY D 17 -13.31 20.16 23.77
N LYS D 18 -13.15 21.18 22.92
CA LYS D 18 -14.03 21.36 21.78
C LYS D 18 -13.73 20.37 20.67
N LYS D 19 -14.56 20.37 19.64
CA LYS D 19 -14.41 19.46 18.52
C LYS D 19 -13.89 20.17 17.28
N ILE D 20 -12.72 19.75 16.82
CA ILE D 20 -12.13 20.30 15.61
C ILE D 20 -12.57 19.50 14.38
N THR D 21 -12.82 20.19 13.28
CA THR D 21 -13.23 19.55 12.03
C THR D 21 -12.51 20.15 10.82
N LEU D 22 -11.68 19.33 10.16
CA LEU D 22 -10.83 19.82 9.07
C LEU D 22 -11.42 19.52 7.71
N GLU D 23 -11.58 20.57 6.90
CA GLU D 23 -12.18 20.44 5.58
C GLU D 23 -11.15 20.08 4.51
N CYS D 24 -11.41 18.99 3.80
CA CYS D 24 -10.58 18.59 2.66
C CYS D 24 -11.46 18.24 1.47
N SER D 25 -11.21 18.87 0.33
CA SER D 25 -12.05 18.69 -0.85
C SER D 25 -11.25 18.53 -2.14
N GLN D 26 -11.92 18.09 -3.19
CA GLN D 26 -11.27 17.81 -4.46
C GLN D 26 -12.27 17.97 -5.62
N THR D 27 -11.81 18.38 -6.79
CA THR D 27 -12.72 18.48 -7.93
C THR D 27 -12.68 17.23 -8.79
N MET D 28 -11.47 16.82 -9.18
CA MET D 28 -11.28 15.62 -9.98
C MET D 28 -11.90 14.40 -9.30
N GLY D 29 -12.38 13.46 -10.09
CA GLY D 29 -13.16 12.34 -9.56
C GLY D 29 -12.34 11.17 -9.06
N HIS D 30 -11.44 11.43 -8.12
CA HIS D 30 -10.62 10.37 -7.54
C HIS D 30 -11.28 9.76 -6.30
N ASP D 31 -11.35 8.44 -6.26
CA ASP D 31 -11.99 7.73 -5.15
C ASP D 31 -11.02 7.47 -4.01
N LYS D 32 -9.73 7.60 -4.28
CA LYS D 32 -8.70 7.30 -3.28
C LYS D 32 -8.12 8.56 -2.63
N MET D 33 -8.36 8.72 -1.32
CA MET D 33 -7.88 9.88 -0.57
C MET D 33 -7.21 9.48 0.75
N TYR D 34 -6.31 10.32 1.24
CA TYR D 34 -5.53 10.00 2.44
C TYR D 34 -5.54 11.11 3.49
N TRP D 35 -5.15 10.76 4.71
CA TRP D 35 -4.93 11.73 5.78
C TRP D 35 -3.64 11.46 6.52
N TYR D 36 -2.73 12.42 6.52
CA TYR D 36 -1.46 12.27 7.22
C TYR D 36 -1.33 13.27 8.36
N GLN D 37 -0.47 12.95 9.31
CA GLN D 37 -0.10 13.88 10.37
C GLN D 37 1.41 14.07 10.39
N GLN D 38 1.84 15.32 10.45
CA GLN D 38 3.27 15.63 10.47
C GLN D 38 3.64 16.69 11.51
N ASP D 39 4.65 16.38 12.32
CA ASP D 39 5.19 17.33 13.29
C ASP D 39 6.37 18.05 12.65
N PRO D 40 6.52 19.35 12.94
CA PRO D 40 7.58 20.18 12.34
C PRO D 40 8.96 19.60 12.57
N GLY D 41 9.51 18.95 11.54
CA GLY D 41 10.83 18.35 11.62
C GLY D 41 10.77 16.84 11.50
N MET D 42 9.64 16.27 11.91
CA MET D 42 9.44 14.82 11.84
C MET D 42 8.92 14.40 10.46
N GLU D 43 8.43 13.17 10.38
CA GLU D 43 8.00 12.59 9.11
C GLU D 43 6.49 12.59 8.94
N LEU D 44 6.01 11.77 7.99
CA LEU D 44 4.59 11.67 7.70
C LEU D 44 4.03 10.31 8.15
N HIS D 45 3.03 10.36 9.03
CA HIS D 45 2.36 9.15 9.48
C HIS D 45 0.93 9.09 8.96
N LEU D 46 0.52 7.93 8.45
CA LEU D 46 -0.84 7.73 7.97
C LEU D 46 -1.79 7.58 9.14
N ILE D 47 -2.87 8.35 9.14
CA ILE D 47 -3.86 8.23 10.20
C ILE D 47 -5.22 7.76 9.68
N HIS D 48 -5.50 8.02 8.40
CA HIS D 48 -6.75 7.63 7.76
C HIS D 48 -6.63 7.57 6.24
N TYR D 49 -7.32 6.61 5.61
CA TYR D 49 -7.48 6.62 4.17
C TYR D 49 -8.87 6.12 3.75
N SER D 50 -9.14 6.19 2.46
CA SER D 50 -10.48 5.89 1.96
C SER D 50 -10.40 5.41 0.52
N TYR D 51 -11.16 4.36 0.20
CA TYR D 51 -11.21 3.83 -1.17
C TYR D 51 -12.39 4.40 -1.95
N GLY D 52 -13.12 5.34 -1.33
CA GLY D 52 -14.34 5.88 -1.90
C GLY D 52 -15.37 6.14 -0.82
N VAL D 53 -16.60 6.42 -1.23
CA VAL D 53 -17.68 6.75 -0.29
C VAL D 53 -18.06 5.62 0.66
N ASN D 54 -18.32 5.99 1.91
CA ASN D 54 -18.63 5.08 3.01
C ASN D 54 -17.45 4.21 3.47
N SER D 55 -16.40 4.13 2.65
CA SER D 55 -15.19 3.43 3.02
C SER D 55 -14.23 4.35 3.79
N THR D 56 -13.97 4.01 5.05
CA THR D 56 -12.98 4.73 5.84
C THR D 56 -12.14 3.76 6.67
N GLU D 57 -10.82 3.86 6.51
CA GLU D 57 -9.91 2.93 7.17
C GLU D 57 -8.93 3.63 8.09
N LYS D 58 -8.51 2.94 9.14
CA LYS D 58 -7.50 3.45 10.06
C LYS D 58 -6.10 3.17 9.51
N GLY D 59 -5.19 4.13 9.67
CA GLY D 59 -3.86 4.03 9.11
C GLY D 59 -2.83 3.52 10.10
N ASP D 60 -1.61 4.02 9.98
CA ASP D 60 -0.50 3.61 10.84
C ASP D 60 -0.79 3.90 12.31
N LEU D 61 -0.76 5.18 12.67
CA LEU D 61 -1.03 5.59 14.04
C LEU D 61 -2.51 5.50 14.39
N SER D 62 -2.80 4.98 15.57
CA SER D 62 -4.17 4.88 16.06
C SER D 62 -4.59 6.20 16.70
N SER D 63 -4.99 7.15 15.88
CA SER D 63 -5.38 8.48 16.34
C SER D 63 -6.85 8.53 16.76
N GLU D 64 -7.15 9.45 17.68
CA GLU D 64 -8.53 9.66 18.13
C GLU D 64 -9.35 10.30 17.03
N SER D 65 -8.66 10.77 15.99
CA SER D 65 -9.31 11.35 14.83
C SER D 65 -10.23 10.35 14.13
N THR D 66 -11.32 10.85 13.57
CA THR D 66 -12.23 10.04 12.77
C THR D 66 -12.56 10.79 11.48
N VAL D 67 -12.75 10.04 10.39
CA VAL D 67 -13.07 10.66 9.11
C VAL D 67 -14.39 10.15 8.56
N SER D 68 -14.97 10.91 7.64
CA SER D 68 -16.26 10.58 7.04
C SER D 68 -16.26 10.82 5.53
N ARG D 69 -16.22 9.74 4.76
CA ARG D 69 -16.30 9.86 3.30
C ARG D 69 -17.73 9.56 2.84
N ILE D 70 -18.50 10.62 2.61
CA ILE D 70 -19.90 10.46 2.21
C ILE D 70 -20.12 10.98 0.79
N ARG D 71 -19.30 11.95 0.39
CA ARG D 71 -19.26 12.43 -0.98
C ARG D 71 -17.89 12.12 -1.56
N THR D 72 -17.83 11.82 -2.85
CA THR D 72 -16.58 11.53 -3.52
C THR D 72 -15.61 12.70 -3.41
N GLU D 73 -16.15 13.91 -3.48
CA GLU D 73 -15.32 15.11 -3.50
C GLU D 73 -14.88 15.62 -2.12
N HIS D 74 -15.44 15.06 -1.06
CA HIS D 74 -15.09 15.54 0.29
C HIS D 74 -14.56 14.44 1.21
N PHE D 75 -13.74 14.84 2.19
CA PHE D 75 -13.08 13.91 3.10
C PHE D 75 -12.71 14.60 4.41
N PRO D 76 -13.73 15.03 5.20
CA PRO D 76 -13.46 15.79 6.42
C PRO D 76 -12.92 14.94 7.56
N LEU D 77 -12.03 15.52 8.37
CA LEU D 77 -11.45 14.83 9.51
C LEU D 77 -11.91 15.48 10.82
N THR D 78 -12.20 14.67 11.83
CA THR D 78 -12.83 15.18 13.04
C THR D 78 -12.18 14.68 14.34
N LEU D 79 -11.94 15.60 15.27
CA LEU D 79 -11.47 15.25 16.60
C LEU D 79 -12.61 15.35 17.60
N GLU D 80 -12.89 14.25 18.28
CA GLU D 80 -13.99 14.17 19.24
C GLU D 80 -13.79 15.16 20.39
N SER D 81 -12.54 15.31 20.79
CA SER D 81 -12.20 16.21 21.88
C SER D 81 -10.72 16.57 21.80
N ALA D 82 -10.43 17.85 21.60
CA ALA D 82 -9.06 18.31 21.42
C ALA D 82 -8.22 18.12 22.68
N ARG D 83 -6.90 18.15 22.49
CA ARG D 83 -5.96 18.01 23.61
C ARG D 83 -4.59 18.59 23.19
N PRO D 84 -3.80 19.06 24.17
CA PRO D 84 -2.52 19.72 23.88
C PRO D 84 -1.51 18.86 23.11
N SER D 85 -1.78 17.56 23.00
CA SER D 85 -0.89 16.66 22.26
C SER D 85 -1.36 16.51 20.81
N HIS D 86 -2.60 16.92 20.54
CA HIS D 86 -3.15 16.84 19.19
C HIS D 86 -2.83 18.09 18.37
N THR D 87 -1.77 18.78 18.77
CA THR D 87 -1.28 19.95 18.04
C THR D 87 -0.24 19.52 17.01
N SER D 88 -0.62 19.60 15.74
CA SER D 88 0.25 19.14 14.66
C SER D 88 -0.20 19.73 13.33
N GLN D 89 0.38 19.27 12.23
CA GLN D 89 -0.08 19.66 10.90
C GLN D 89 -0.73 18.49 10.19
N TYR D 90 -1.85 18.75 9.53
CA TYR D 90 -2.62 17.69 8.90
C TYR D 90 -2.74 17.86 7.38
N LEU D 91 -2.13 16.92 6.66
CA LEU D 91 -2.06 16.96 5.20
C LEU D 91 -3.02 15.94 4.56
N CYS D 92 -3.78 16.40 3.58
CA CYS D 92 -4.70 15.56 2.84
C CYS D 92 -4.05 15.16 1.52
N ALA D 93 -4.39 13.99 1.00
CA ALA D 93 -3.81 13.55 -0.26
C ALA D 93 -4.81 12.75 -1.08
N SER D 94 -4.45 12.47 -2.33
CA SER D 94 -5.34 11.76 -3.24
C SER D 94 -4.59 11.09 -4.40
N SER D 95 -4.88 9.81 -4.62
CA SER D 95 -4.28 9.05 -5.71
C SER D 95 -5.20 9.08 -6.92
N GLY D 96 -4.62 9.13 -8.11
CA GLY D 96 -5.40 9.16 -9.35
C GLY D 96 -4.52 9.24 -10.59
N LEU D 97 -5.07 8.80 -11.72
CA LEU D 97 -4.33 8.73 -12.97
C LEU D 97 -3.85 10.11 -13.45
N ARG D 98 -2.54 10.28 -13.50
CA ARG D 98 -1.94 11.57 -13.83
C ARG D 98 -1.61 11.69 -15.32
N ASP D 99 -0.45 12.28 -15.61
CA ASP D 99 -0.01 12.50 -16.99
C ASP D 99 0.40 11.18 -17.66
N ARG D 100 1.06 10.31 -16.91
CA ARG D 100 1.47 9.02 -17.42
C ARG D 100 0.35 7.99 -17.26
N GLY D 101 0.73 6.72 -17.18
CA GLY D 101 -0.24 5.65 -17.00
C GLY D 101 -0.21 5.11 -15.59
N LEU D 102 0.37 5.90 -14.69
CA LEU D 102 0.50 5.50 -13.29
C LEU D 102 -0.44 6.32 -12.40
N TYR D 103 -0.74 5.77 -11.22
CA TYR D 103 -1.65 6.43 -10.29
C TYR D 103 -0.88 7.20 -9.22
N GLU D 104 -0.71 8.49 -9.46
CA GLU D 104 0.11 9.33 -8.59
C GLU D 104 -0.67 10.01 -7.49
N GLN D 105 0.05 10.54 -6.51
CA GLN D 105 -0.54 11.15 -5.35
C GLN D 105 -0.36 12.67 -5.37
N TYR D 106 -1.46 13.39 -5.25
CA TYR D 106 -1.40 14.84 -5.11
C TYR D 106 -1.66 15.21 -3.65
N PHE D 107 -0.81 16.08 -3.09
CA PHE D 107 -0.96 16.48 -1.70
C PHE D 107 -1.70 17.80 -1.52
N GLY D 108 -2.49 17.88 -0.44
CA GLY D 108 -3.23 19.08 -0.13
C GLY D 108 -2.33 20.13 0.45
N PRO D 109 -2.76 21.40 0.41
CA PRO D 109 -1.98 22.56 0.86
C PRO D 109 -1.54 22.41 2.32
N GLY D 110 -2.42 21.88 3.15
CA GLY D 110 -2.10 21.66 4.55
C GLY D 110 -2.91 22.55 5.48
N THR D 111 -2.95 22.14 6.75
CA THR D 111 -3.68 22.87 7.78
C THR D 111 -2.94 22.76 9.11
N ARG D 112 -2.40 23.88 9.58
CA ARG D 112 -1.71 23.90 10.86
C ARG D 112 -2.73 24.05 11.98
N LEU D 113 -2.58 23.26 13.03
CA LEU D 113 -3.53 23.28 14.15
C LEU D 113 -2.85 23.56 15.48
N THR D 114 -3.45 24.43 16.28
CA THR D 114 -2.91 24.76 17.60
C THR D 114 -3.99 24.69 18.68
N VAL D 115 -3.79 23.77 19.62
CA VAL D 115 -4.71 23.59 20.74
C VAL D 115 -4.19 24.28 22.00
N THR D 116 -5.01 25.13 22.60
CA THR D 116 -4.62 25.84 23.81
C THR D 116 -5.44 25.37 25.01
N GLU D 117 -5.22 26.00 26.16
CA GLU D 117 -5.95 25.66 27.37
C GLU D 117 -7.09 26.64 27.60
N ASP D 118 -6.92 27.87 27.12
CA ASP D 118 -7.96 28.89 27.23
C ASP D 118 -7.83 29.89 26.08
N LEU D 119 -8.94 30.17 25.42
CA LEU D 119 -8.96 31.02 24.24
C LEU D 119 -8.61 32.48 24.54
N LYS D 120 -8.47 32.81 25.82
CA LYS D 120 -8.07 34.14 26.22
C LYS D 120 -6.57 34.34 25.98
N ASN D 121 -5.86 33.23 25.79
CA ASN D 121 -4.42 33.26 25.54
C ASN D 121 -4.06 33.73 24.12
N VAL D 122 -5.07 33.92 23.29
CA VAL D 122 -4.86 34.32 21.90
C VAL D 122 -4.68 35.84 21.79
N PHE D 123 -3.51 36.26 21.34
CA PHE D 123 -3.20 37.69 21.26
C PHE D 123 -2.77 38.12 19.87
N PRO D 124 -3.35 39.23 19.37
CA PRO D 124 -3.01 39.84 18.09
C PRO D 124 -1.54 40.31 18.07
N PRO D 125 -0.92 40.32 16.89
CA PRO D 125 0.51 40.66 16.77
C PRO D 125 0.76 42.15 16.90
N GLU D 126 1.97 42.52 17.33
CA GLU D 126 2.35 43.92 17.49
C GLU D 126 3.55 44.26 16.63
N VAL D 127 3.33 45.10 15.62
CA VAL D 127 4.35 45.42 14.62
C VAL D 127 5.00 46.78 14.86
N ALA D 128 6.32 46.85 14.69
CA ALA D 128 7.04 48.11 14.78
C ALA D 128 8.18 48.12 13.77
N VAL D 129 8.13 49.04 12.82
CA VAL D 129 9.15 49.09 11.76
C VAL D 129 10.35 49.93 12.16
N PHE D 130 11.53 49.30 12.14
CA PHE D 130 12.76 49.98 12.52
C PHE D 130 13.49 50.56 11.32
N GLU D 131 14.22 51.65 11.54
CA GLU D 131 14.83 52.41 10.47
C GLU D 131 16.35 52.23 10.43
N PRO D 132 16.94 52.19 9.21
CA PRO D 132 18.35 51.84 8.96
C PRO D 132 19.38 52.65 9.74
N SER D 133 20.64 52.22 9.65
CA SER D 133 21.74 52.88 10.36
C SER D 133 22.60 53.70 9.40
N GLU D 134 23.11 54.83 9.90
CA GLU D 134 23.95 55.70 9.09
C GLU D 134 25.34 55.11 8.85
N ALA D 135 25.72 54.14 9.68
CA ALA D 135 26.99 53.45 9.54
C ALA D 135 26.92 52.46 8.39
N GLU D 136 25.74 51.86 8.21
CA GLU D 136 25.51 50.90 7.14
C GLU D 136 25.58 51.60 5.78
N ILE D 137 25.04 52.81 5.72
CA ILE D 137 25.00 53.58 4.49
C ILE D 137 26.37 54.14 4.16
N SER D 138 27.20 54.31 5.19
CA SER D 138 28.55 54.85 5.02
C SER D 138 29.57 53.76 4.73
N HIS D 139 29.37 52.59 5.33
CA HIS D 139 30.31 51.48 5.18
C HIS D 139 29.98 50.58 4.00
N THR D 140 28.69 50.36 3.76
CA THR D 140 28.25 49.43 2.72
C THR D 140 27.41 50.10 1.63
N GLN D 141 27.06 51.36 1.84
CA GLN D 141 26.23 52.11 0.89
C GLN D 141 24.90 51.43 0.60
N LYS D 142 24.41 50.67 1.58
CA LYS D 142 23.11 50.00 1.47
C LYS D 142 22.30 50.23 2.73
N ALA D 143 20.98 50.06 2.64
CA ALA D 143 20.10 50.32 3.77
C ALA D 143 19.25 49.11 4.11
N THR D 144 19.22 48.74 5.39
CA THR D 144 18.43 47.61 5.85
C THR D 144 17.32 48.05 6.81
N LEU D 145 16.07 47.82 6.39
CA LEU D 145 14.92 48.05 7.26
C LEU D 145 14.61 46.75 8.02
N VAL D 146 14.01 46.88 9.19
CA VAL D 146 13.70 45.72 10.02
C VAL D 146 12.28 45.75 10.59
N CYS D 147 11.49 44.72 10.28
CA CYS D 147 10.14 44.60 10.80
C CYS D 147 10.07 43.58 11.93
N LEU D 148 9.51 43.99 13.06
CA LEU D 148 9.42 43.13 14.23
C LEU D 148 7.99 43.02 14.75
N ALA D 149 7.34 41.89 14.48
CA ALA D 149 6.03 41.61 15.01
C ALA D 149 6.16 40.74 16.24
N THR D 150 5.76 41.28 17.40
CA THR D 150 5.98 40.58 18.66
C THR D 150 4.69 40.40 19.45
N GLY D 151 4.76 39.58 20.48
CA GLY D 151 3.66 39.38 21.40
C GLY D 151 2.37 38.93 20.76
N PHE D 152 2.39 37.74 20.15
CA PHE D 152 1.19 37.17 19.58
C PHE D 152 1.04 35.68 19.90
N TYR D 153 -0.14 35.15 19.63
CA TYR D 153 -0.42 33.75 19.87
C TYR D 153 -1.64 33.37 19.04
N PRO D 154 -1.58 32.20 18.37
CA PRO D 154 -0.44 31.28 18.35
C PRO D 154 0.59 31.70 17.31
N ASP D 155 1.44 30.76 16.88
CA ASP D 155 2.47 31.07 15.90
C ASP D 155 1.94 30.98 14.48
N HIS D 156 0.77 31.58 14.25
CA HIS D 156 0.15 31.57 12.93
C HIS D 156 0.23 32.96 12.32
N VAL D 157 1.35 33.24 11.66
CA VAL D 157 1.65 34.59 11.19
C VAL D 157 2.30 34.61 9.80
N GLU D 158 1.71 35.38 8.89
CA GLU D 158 2.27 35.55 7.55
C GLU D 158 2.72 36.99 7.33
N LEU D 159 3.94 37.16 6.82
CA LEU D 159 4.56 38.48 6.69
C LEU D 159 5.06 38.73 5.27
N SER D 160 4.72 39.90 4.72
CA SER D 160 5.26 40.35 3.44
C SER D 160 5.52 41.87 3.42
N TRP D 161 6.51 42.28 2.63
CA TRP D 161 6.91 43.70 2.56
C TRP D 161 6.20 44.48 1.47
N TRP D 162 5.35 45.41 1.88
CA TRP D 162 4.62 46.24 0.92
C TRP D 162 5.31 47.58 0.69
N VAL D 163 5.81 47.78 -0.53
CA VAL D 163 6.49 49.01 -0.89
C VAL D 163 5.63 49.84 -1.84
N ASN D 164 5.22 51.02 -1.39
CA ASN D 164 4.39 51.92 -2.19
C ASN D 164 3.07 51.27 -2.63
N LYS D 166 2.79 48.13 -2.95
CA LYS D 166 3.14 46.93 -3.70
C LYS D 166 4.02 45.99 -2.88
N GLU D 167 3.61 44.73 -2.77
CA GLU D 167 4.38 43.73 -2.05
C GLU D 167 5.62 43.31 -2.83
N VAL D 168 6.77 43.32 -2.17
CA VAL D 168 8.02 42.92 -2.80
C VAL D 168 8.57 41.63 -2.20
N HIS D 169 9.55 41.04 -2.87
CA HIS D 169 10.15 39.78 -2.43
C HIS D 169 11.68 39.83 -2.48
N SER D 170 12.22 40.58 -3.46
CA SER D 170 13.66 40.75 -3.59
C SER D 170 14.17 41.59 -2.44
N GLY D 171 15.41 41.34 -2.02
CA GLY D 171 15.98 42.06 -0.90
C GLY D 171 15.14 41.87 0.35
N VAL D 172 14.58 40.67 0.52
CA VAL D 172 13.69 40.37 1.63
C VAL D 172 13.97 38.97 2.18
N CYS D 173 14.02 38.86 3.51
CA CYS D 173 14.04 37.56 4.16
C CYS D 173 13.27 37.62 5.48
N THR D 174 12.80 36.48 5.95
CA THR D 174 11.99 36.43 7.17
C THR D 174 12.38 35.20 7.97
N ASP D 175 12.09 35.19 9.27
CA ASP D 175 12.38 34.04 10.11
C ASP D 175 11.60 32.81 9.67
N PRO D 176 12.28 31.66 9.59
CA PRO D 176 11.65 30.41 9.18
C PRO D 176 10.60 29.97 10.20
N GLN D 177 10.84 30.29 11.46
CA GLN D 177 9.94 29.94 12.55
C GLN D 177 10.04 30.98 13.67
N PRO D 178 8.89 31.37 14.24
CA PRO D 178 8.84 32.40 15.30
C PRO D 178 9.55 31.95 16.57
N LEU D 179 9.99 32.91 17.38
CA LEU D 179 10.64 32.60 18.65
C LEU D 179 9.82 33.07 19.85
N LYS D 180 9.59 32.17 20.79
CA LYS D 180 8.75 32.45 21.96
C LYS D 180 9.40 33.42 22.92
N GLU D 181 8.62 34.37 23.42
CA GLU D 181 9.15 35.38 24.34
C GLU D 181 9.32 34.84 25.75
N GLN D 182 8.68 33.69 26.03
CA GLN D 182 8.81 33.05 27.33
C GLN D 182 9.03 31.54 27.17
N PRO D 183 10.28 31.09 27.36
CA PRO D 183 10.66 29.70 27.07
C PRO D 183 10.11 28.66 28.04
N ALA D 184 9.43 29.11 29.09
CA ALA D 184 8.96 28.20 30.14
C ALA D 184 7.53 27.70 29.93
N LEU D 185 6.59 28.64 29.81
CA LEU D 185 5.17 28.31 29.68
C LEU D 185 4.89 27.41 28.46
N ASN D 186 4.06 26.39 28.68
CA ASN D 186 3.67 25.48 27.61
C ASN D 186 2.87 26.20 26.52
N ASP D 187 2.35 27.37 26.87
CA ASP D 187 1.65 28.23 25.93
C ASP D 187 2.18 29.66 26.04
N SER D 188 3.20 29.97 25.26
CA SER D 188 3.84 31.28 25.31
C SER D 188 3.56 32.09 24.07
N ARG D 189 3.72 33.41 24.17
CA ARG D 189 3.58 34.29 23.01
C ARG D 189 4.84 34.24 22.16
N TYR D 190 4.74 34.69 20.91
CA TYR D 190 5.85 34.59 19.99
C TYR D 190 6.23 35.93 19.35
N ALA D 191 7.27 35.90 18.53
CA ALA D 191 7.75 37.08 17.82
C ALA D 191 8.39 36.69 16.49
N LEU D 192 8.42 37.63 15.54
CA LEU D 192 8.98 37.35 14.22
C LEU D 192 9.82 38.53 13.73
N SER D 193 10.73 38.27 12.79
CA SER D 193 11.55 39.33 12.22
C SER D 193 11.79 39.15 10.73
N SER D 194 11.34 40.12 9.94
CA SER D 194 11.66 40.15 8.54
C SER D 194 12.67 41.27 8.28
N ARG D 195 13.23 41.28 7.08
CA ARG D 195 14.27 42.25 6.73
C ARG D 195 14.13 42.75 5.29
N LEU D 196 14.20 44.06 5.11
CA LEU D 196 14.15 44.66 3.78
C LEU D 196 15.41 45.48 3.52
N ARG D 197 16.06 45.20 2.40
CA ARG D 197 17.34 45.83 2.13
C ARG D 197 17.45 46.30 0.67
N VAL D 198 17.07 47.55 0.44
CA VAL D 198 17.26 48.17 -0.87
C VAL D 198 18.52 49.03 -0.85
N SER D 199 18.80 49.70 -1.96
CA SER D 199 19.97 50.55 -2.04
C SER D 199 19.81 51.79 -1.17
N ALA D 200 20.93 52.47 -0.89
CA ALA D 200 20.90 53.67 -0.07
C ALA D 200 20.09 54.75 -0.75
N THR D 201 20.28 54.88 -2.07
CA THR D 201 19.61 55.89 -2.86
C THR D 201 18.10 55.72 -2.81
N PHE D 202 17.66 54.47 -2.93
CA PHE D 202 16.24 54.16 -2.92
C PHE D 202 15.61 54.54 -1.58
N TRP D 203 16.38 54.37 -0.51
CA TRP D 203 15.90 54.69 0.83
C TRP D 203 15.98 56.18 1.13
N GLN D 204 16.95 56.86 0.54
CA GLN D 204 17.15 58.28 0.81
C GLN D 204 16.19 59.18 0.03
N ASN D 205 15.43 58.58 -0.88
CA ASN D 205 14.38 59.30 -1.60
C ASN D 205 13.09 59.31 -0.78
N PRO D 206 12.62 60.52 -0.40
CA PRO D 206 11.45 60.67 0.46
C PRO D 206 10.12 60.45 -0.27
N ARG D 207 10.17 59.98 -1.51
CA ARG D 207 8.96 59.70 -2.28
C ARG D 207 8.63 58.22 -2.25
N ASN D 208 9.14 57.52 -1.24
CA ASN D 208 8.95 56.07 -1.13
C ASN D 208 8.27 55.66 0.17
N HIS D 209 7.22 54.86 0.04
CA HIS D 209 6.44 54.37 1.18
C HIS D 209 6.74 52.91 1.49
N PHE D 210 7.13 52.63 2.72
CA PHE D 210 7.45 51.28 3.15
C PHE D 210 6.48 50.80 4.23
N ARG D 211 5.83 49.67 3.98
CA ARG D 211 4.86 49.12 4.93
C ARG D 211 5.10 47.63 5.17
N CYS D 212 4.97 47.22 6.43
CA CYS D 212 5.22 45.83 6.80
C CYS D 212 3.93 45.13 7.24
N GLN D 213 3.30 44.42 6.32
CA GLN D 213 2.04 43.74 6.61
C GLN D 213 2.24 42.38 7.25
N VAL D 214 1.61 42.19 8.40
CA VAL D 214 1.66 40.91 9.11
C VAL D 214 0.27 40.29 9.19
N GLN D 215 0.09 39.20 8.45
CA GLN D 215 -1.20 38.53 8.40
C GLN D 215 -1.38 37.59 9.60
N PHE D 216 -2.30 37.94 10.49
CA PHE D 216 -2.57 37.11 11.66
C PHE D 216 -3.87 36.33 11.52
N TYR D 217 -3.84 35.05 11.87
CA TYR D 217 -5.00 34.19 11.80
C TYR D 217 -5.51 33.88 13.21
N GLY D 218 -6.74 34.28 13.50
CA GLY D 218 -7.27 34.14 14.85
C GLY D 218 -8.67 33.57 14.95
N LEU D 219 -9.48 34.17 15.83
CA LEU D 219 -10.80 33.66 16.14
C LEU D 219 -11.83 34.04 15.07
N SER D 220 -12.94 33.30 15.01
CA SER D 220 -14.00 33.55 14.04
C SER D 220 -15.30 33.95 14.72
N GLU D 221 -16.38 33.95 13.95
CA GLU D 221 -17.69 34.40 14.44
C GLU D 221 -18.32 33.41 15.43
N ASN D 222 -18.07 32.13 15.21
CA ASN D 222 -18.64 31.08 16.05
C ASN D 222 -18.01 31.02 17.43
N ASP D 223 -16.85 31.65 17.58
CA ASP D 223 -16.09 31.57 18.81
C ASP D 223 -16.65 32.45 19.92
N GLU D 224 -16.59 31.95 21.14
CA GLU D 224 -17.13 32.67 22.29
C GLU D 224 -16.10 33.60 22.94
N TRP D 225 -16.57 34.54 23.74
CA TRP D 225 -15.71 35.49 24.42
C TRP D 225 -16.34 35.93 25.73
N THR D 226 -15.54 35.99 26.79
CA THR D 226 -16.07 36.25 28.12
C THR D 226 -15.43 37.45 28.80
N GLN D 227 -14.66 38.23 28.05
CA GLN D 227 -13.86 39.29 28.67
C GLN D 227 -14.04 40.68 28.06
N ASP D 228 -13.35 41.65 28.65
CA ASP D 228 -13.41 43.05 28.21
C ASP D 228 -12.32 43.35 27.18
N ARG D 229 -12.36 42.64 26.06
CA ARG D 229 -11.36 42.80 25.01
C ARG D 229 -11.94 42.49 23.63
N ALA D 230 -11.32 43.04 22.60
CA ALA D 230 -11.73 42.76 21.23
C ALA D 230 -11.21 41.39 20.79
N LYS D 231 -12.11 40.56 20.29
CA LYS D 231 -11.75 39.23 19.83
C LYS D 231 -10.68 39.27 18.74
N PRO D 232 -9.53 38.63 18.99
CA PRO D 232 -8.44 38.56 18.01
C PRO D 232 -8.85 37.83 16.73
N VAL D 233 -9.62 38.51 15.89
CA VAL D 233 -10.06 37.93 14.62
C VAL D 233 -8.92 37.95 13.62
N THR D 234 -9.11 37.27 12.49
CA THR D 234 -8.11 37.28 11.42
C THR D 234 -7.94 38.70 10.87
N GLN D 235 -7.02 39.44 11.50
CA GLN D 235 -6.78 40.83 11.13
C GLN D 235 -5.35 41.02 10.65
N ILE D 236 -5.04 42.23 10.17
CA ILE D 236 -3.69 42.57 9.78
C ILE D 236 -3.22 43.77 10.61
N VAL D 237 -2.01 43.68 11.14
CA VAL D 237 -1.41 44.79 11.84
C VAL D 237 -0.14 45.17 11.10
N SER D 238 0.19 46.47 11.07
CA SER D 238 1.35 46.93 10.32
C SER D 238 1.95 48.22 10.88
N ALA D 239 3.06 48.64 10.29
CA ALA D 239 3.67 49.91 10.60
C ALA D 239 4.25 50.51 9.32
N GLU D 240 4.06 51.80 9.12
CA GLU D 240 4.48 52.46 7.89
C GLU D 240 5.91 52.98 7.99
N ALA D 241 6.44 53.46 6.87
CA ALA D 241 7.79 54.03 6.80
C ALA D 241 8.04 54.82 5.51
N TRP D 242 8.61 56.00 5.64
CA TRP D 242 8.95 56.85 4.49
C TRP D 242 10.45 57.10 4.39
N GLY D 243 10.92 57.39 3.18
CA GLY D 243 12.33 57.63 2.95
C GLY D 243 12.84 58.90 3.61
N ARG D 244 14.17 59.03 3.69
CA ARG D 244 14.77 60.21 4.30
C ARG D 244 16.20 60.43 3.81
N ALA D 245 16.49 61.66 3.39
CA ALA D 245 17.81 61.99 2.88
C ALA D 245 18.68 62.62 3.96
#